data_4MKA
#
_entry.id   4MKA
#
_cell.length_a   85.944
_cell.length_b   105.463
_cell.length_c   126.161
_cell.angle_alpha   90.000
_cell.angle_beta   90.000
_cell.angle_gamma   90.000
#
_symmetry.space_group_name_H-M   'P 21 21 21'
#
loop_
_entity.id
_entity.type
_entity.pdbx_description
1 polymer 'RNA-DIRECTED RNA POLYMERASE'
2 non-polymer GLYCEROL
3 non-polymer N-{3-[3-tert-butyl-2-methoxy-5-(2-oxo-1,2-dihydropyridin-3-yl)phenyl]-1-oxo-1H-isochromen-7-yl}methanesulfonamide
4 non-polymer 'DIMETHYL SULFOXIDE'
5 water water
#
_entity_poly.entity_id   1
_entity_poly.type   'polypeptide(L)'
_entity_poly.pdbx_seq_one_letter_code
;HMSYTWTGALITPCAAEESKLPINALSNSLLRHHNMVYATTSRSAGLRQKKVTFDRLQVLDDHYRDVLKEMKAKASTVKA
KLLSVEEACKLTPPHSAKSKFGYGAKDVRNLSSKAVNHIHSVWKDLLEDTVTPIDTTIMAKNEVFCVQPEKGGRKPARLI
VFPDLGVRVCEKMALYDVVSTLPQVVMGSSYGFQYSPGQRVEFLVNTWKSKKNPMGFSYDTRCFDSTVTENDIRVEESIY
QCCDLAPEARQAIKSLTERLYIGGPLTNSKGQNCGYRRCRASGVLTTSCGNTLTCYLKASAACRAAKLQDCTMLVNGDDL
VVICESAGTQEDAASLRVFTEAMTRYSAPPGDPPQPEYDLELITSCSSNVSVAHDASGKRVYYLTRDPTTPLARAAWETA
RHTPVNSWLGNIIMYAPTLWARMILMTHFFSILLAQEQLEKALDCQIYGACYSIEPLDLPQIIERLHGLSAFSLHSYSPG
EINRVASCLRKLGVPPLRVWRHRARSVRARLLSQGGRAATCGKYLFNWAVKTKLKLTPIPAASRLDLSGWFVAGYSGGDI
YHSLSRARPR
;
_entity_poly.pdbx_strand_id   A,B
#
loop_
_chem_comp.id
_chem_comp.type
_chem_comp.name
_chem_comp.formula
2AY non-polymer N-{3-[3-tert-butyl-2-methoxy-5-(2-oxo-1,2-dihydropyridin-3-yl)phenyl]-1-oxo-1H-isochromen-7-yl}methanesulfonamide 'C26 H26 N2 O6 S'
DMS non-polymer 'DIMETHYL SULFOXIDE' 'C2 H6 O S'
GOL non-polymer GLYCEROL 'C3 H8 O3'
#
# COMPACT_ATOMS: atom_id res chain seq x y z
N HIS A 1 4.41 -19.54 39.61
CA HIS A 1 3.85 -18.80 38.48
C HIS A 1 3.18 -19.79 37.49
N MET A 2 2.21 -20.57 37.99
CA MET A 2 1.48 -21.58 37.22
C MET A 2 0.50 -20.95 36.26
N SER A 3 0.42 -21.45 35.02
CA SER A 3 -0.55 -20.95 34.04
C SER A 3 -1.99 -21.11 34.53
N TYR A 4 -2.27 -22.21 35.25
CA TYR A 4 -3.60 -22.55 35.80
C TYR A 4 -3.47 -23.28 37.13
N THR A 5 -4.54 -23.22 37.93
CA THR A 5 -4.74 -24.00 39.14
C THR A 5 -6.10 -24.61 38.90
N TRP A 6 -6.31 -25.83 39.41
CA TRP A 6 -7.56 -26.57 39.17
C TRP A 6 -8.20 -27.07 40.44
N THR A 7 -9.55 -27.10 40.49
CA THR A 7 -10.26 -27.60 41.69
C THR A 7 -10.50 -29.12 41.62
N GLY A 8 -10.58 -29.65 40.41
CA GLY A 8 -10.89 -31.05 40.18
C GLY A 8 -12.23 -31.20 39.47
N ALA A 9 -13.07 -30.13 39.46
CA ALA A 9 -14.36 -30.16 38.75
C ALA A 9 -14.08 -30.29 37.27
N LEU A 10 -14.90 -31.10 36.59
CA LEU A 10 -14.79 -31.41 35.18
C LEU A 10 -15.17 -30.25 34.28
N ILE A 11 -14.60 -30.24 33.08
CA ILE A 11 -14.96 -29.30 32.03
C ILE A 11 -16.10 -30.04 31.35
N THR A 12 -17.30 -29.50 31.46
CA THR A 12 -18.51 -30.16 31.00
C THR A 12 -19.04 -29.66 29.66
N PRO A 13 -19.71 -30.55 28.88
CA PRO A 13 -20.31 -30.09 27.61
C PRO A 13 -21.61 -29.30 27.82
N CYS A 14 -22.08 -28.61 26.78
CA CYS A 14 -23.32 -27.83 26.76
C CYS A 14 -24.46 -28.64 26.17
N ALA A 15 -24.11 -29.56 25.27
CA ALA A 15 -25.04 -30.43 24.57
C ALA A 15 -24.34 -31.74 24.25
N ALA A 16 -25.04 -32.64 23.53
CA ALA A 16 -24.53 -33.93 23.08
C ALA A 16 -23.32 -33.72 22.20
N GLU A 17 -22.27 -34.50 22.43
CA GLU A 17 -21.04 -34.42 21.66
C GLU A 17 -20.86 -35.70 20.87
N GLU A 18 -20.54 -35.57 19.60
CA GLU A 18 -20.25 -36.71 18.73
C GLU A 18 -18.75 -36.71 18.46
N SER A 19 -18.11 -37.86 18.54
CA SER A 19 -16.70 -38.01 18.24
C SER A 19 -16.50 -38.77 16.93
N LYS A 20 -17.39 -39.73 16.62
CA LYS A 20 -17.31 -40.56 15.40
C LYS A 20 -17.91 -39.83 14.22
N LEU A 21 -17.26 -39.92 13.04
CA LEU A 21 -17.74 -39.31 11.82
C LEU A 21 -19.20 -39.72 11.48
N PRO A 22 -20.17 -38.78 11.49
CA PRO A 22 -21.55 -39.12 11.11
C PRO A 22 -21.58 -39.52 9.64
N ILE A 23 -22.38 -40.50 9.30
CA ILE A 23 -22.49 -41.03 7.94
C ILE A 23 -23.89 -40.82 7.38
N ASN A 24 -23.96 -40.37 6.13
CA ASN A 24 -25.23 -40.25 5.42
C ASN A 24 -25.06 -40.81 4.00
N ALA A 25 -26.06 -40.61 3.10
CA ALA A 25 -26.01 -41.11 1.72
C ALA A 25 -24.93 -40.45 0.86
N LEU A 26 -24.41 -39.28 1.29
CA LEU A 26 -23.39 -38.52 0.53
C LEU A 26 -21.94 -38.81 0.94
N SER A 27 -21.73 -39.36 2.14
CA SER A 27 -20.42 -39.59 2.75
C SER A 27 -19.37 -40.30 1.89
N ASN A 28 -19.75 -41.49 1.36
CA ASN A 28 -18.88 -42.36 0.56
C ASN A 28 -18.42 -41.77 -0.76
N SER A 29 -19.21 -40.86 -1.36
CA SER A 29 -18.81 -40.19 -2.58
C SER A 29 -17.59 -39.26 -2.29
N LEU A 30 -17.42 -38.82 -1.03
CA LEU A 30 -16.25 -38.01 -0.66
C LEU A 30 -15.10 -38.81 -0.01
N LEU A 31 -15.40 -39.61 1.02
CA LEU A 31 -14.37 -40.27 1.85
C LEU A 31 -14.84 -41.65 2.30
N ARG A 32 -14.02 -42.69 2.08
CA ARG A 32 -14.36 -44.05 2.48
C ARG A 32 -13.77 -44.48 3.81
N HIS A 33 -12.60 -43.93 4.20
CA HIS A 33 -11.92 -44.31 5.44
C HIS A 33 -12.47 -43.56 6.66
N HIS A 34 -13.72 -43.83 7.01
CA HIS A 34 -14.50 -43.18 8.07
C HIS A 34 -13.83 -43.15 9.46
N ASN A 35 -13.17 -44.25 9.85
N ASN A 35 -13.20 -44.28 9.88
CA ASN A 35 -12.47 -44.40 11.15
CA ASN A 35 -12.55 -44.38 11.21
C ASN A 35 -11.25 -43.47 11.32
C ASN A 35 -11.30 -43.48 11.38
N MET A 36 -10.76 -42.89 10.22
N MET A 36 -10.79 -42.88 10.27
CA MET A 36 -9.63 -41.94 10.22
CA MET A 36 -9.65 -41.97 10.29
C MET A 36 -10.09 -40.56 10.72
C MET A 36 -10.09 -40.56 10.72
N VAL A 37 -11.40 -40.25 10.60
CA VAL A 37 -11.97 -38.95 10.97
C VAL A 37 -12.63 -38.97 12.34
N TYR A 38 -12.31 -37.98 13.18
CA TYR A 38 -12.91 -37.87 14.50
C TYR A 38 -13.10 -36.41 14.89
N ALA A 39 -13.90 -36.16 15.93
CA ALA A 39 -14.08 -34.84 16.51
C ALA A 39 -13.60 -34.92 17.95
N THR A 40 -12.97 -33.83 18.45
CA THR A 40 -12.55 -33.78 19.85
C THR A 40 -13.82 -33.52 20.67
N THR A 41 -13.87 -34.02 21.92
CA THR A 41 -15.00 -33.79 22.83
C THR A 41 -14.47 -33.45 24.23
N SER A 42 -15.37 -33.02 25.15
CA SER A 42 -15.01 -32.74 26.55
C SER A 42 -14.41 -33.95 27.28
N ARG A 43 -14.60 -35.18 26.77
CA ARG A 43 -14.05 -36.41 27.36
C ARG A 43 -12.54 -36.39 27.52
N SER A 44 -11.84 -35.68 26.63
CA SER A 44 -10.39 -35.54 26.66
C SER A 44 -9.89 -34.23 27.32
N ALA A 45 -10.81 -33.38 27.89
CA ALA A 45 -10.45 -32.10 28.53
C ALA A 45 -9.42 -32.22 29.63
N GLY A 46 -9.50 -33.27 30.45
CA GLY A 46 -8.55 -33.58 31.52
C GLY A 46 -7.13 -33.74 31.01
N LEU A 47 -6.95 -34.37 29.82
CA LEU A 47 -5.61 -34.50 29.22
C LEU A 47 -5.10 -33.09 28.77
N ARG A 48 -6.00 -32.26 28.19
CA ARG A 48 -5.61 -30.92 27.77
C ARG A 48 -5.21 -30.07 28.98
N GLN A 49 -5.98 -30.18 30.08
CA GLN A 49 -5.69 -29.49 31.34
C GLN A 49 -4.26 -29.76 31.78
N LYS A 50 -3.83 -31.04 31.71
CA LYS A 50 -2.48 -31.45 32.06
C LYS A 50 -1.43 -30.77 31.19
N LYS A 51 -1.66 -30.75 29.85
CA LYS A 51 -0.74 -30.16 28.88
C LYS A 51 -0.56 -28.64 29.04
N VAL A 52 -1.66 -27.91 29.31
CA VAL A 52 -1.65 -26.45 29.39
C VAL A 52 -1.15 -25.92 30.76
N THR A 53 -1.00 -26.81 31.76
CA THR A 53 -0.63 -26.43 33.12
C THR A 53 0.86 -26.60 33.38
N PHE A 54 1.56 -25.46 33.55
CA PHE A 54 3.00 -25.42 33.85
C PHE A 54 3.43 -24.09 34.45
N ASP A 55 4.64 -24.11 35.04
CA ASP A 55 5.24 -22.93 35.67
C ASP A 55 5.92 -22.13 34.57
N ARG A 56 5.74 -20.80 34.59
CA ARG A 56 6.41 -19.92 33.62
C ARG A 56 7.46 -19.08 34.35
N LEU A 57 8.66 -19.07 33.80
CA LEU A 57 9.79 -18.30 34.29
C LEU A 57 10.15 -17.35 33.17
N GLN A 58 10.40 -16.09 33.52
CA GLN A 58 10.71 -15.09 32.54
C GLN A 58 11.92 -14.26 32.94
N VAL A 59 12.85 -14.11 32.01
CA VAL A 59 14.09 -13.39 32.21
C VAL A 59 14.12 -12.38 31.09
N LEU A 60 13.93 -11.10 31.42
CA LEU A 60 13.81 -10.05 30.42
C LEU A 60 15.06 -9.18 30.32
N ASP A 61 15.67 -9.19 29.14
CA ASP A 61 16.93 -8.48 28.93
C ASP A 61 16.78 -7.16 28.15
N ASP A 62 17.92 -6.53 27.80
CA ASP A 62 17.92 -5.26 27.08
C ASP A 62 17.32 -5.35 25.68
N HIS A 63 17.53 -6.46 24.96
CA HIS A 63 16.93 -6.65 23.63
C HIS A 63 15.41 -6.58 23.70
N TYR A 64 14.82 -7.20 24.74
CA TYR A 64 13.38 -7.21 24.96
C TYR A 64 12.85 -5.77 25.17
N ARG A 65 13.48 -5.01 26.11
CA ARG A 65 13.07 -3.63 26.44
C ARG A 65 13.32 -2.65 25.27
N ASP A 66 14.39 -2.88 24.49
CA ASP A 66 14.69 -2.07 23.29
C ASP A 66 13.61 -2.23 22.23
N VAL A 67 13.21 -3.49 21.92
CA VAL A 67 12.16 -3.74 20.93
C VAL A 67 10.84 -3.15 21.45
N LEU A 68 10.53 -3.37 22.75
CA LEU A 68 9.30 -2.86 23.35
C LEU A 68 9.24 -1.32 23.25
N LYS A 69 10.37 -0.65 23.47
CA LYS A 69 10.41 0.81 23.39
C LYS A 69 10.08 1.29 21.97
N GLU A 70 10.61 0.59 20.94
CA GLU A 70 10.33 0.90 19.53
C GLU A 70 8.85 0.68 19.20
N MET A 71 8.29 -0.44 19.68
CA MET A 71 6.88 -0.78 19.47
C MET A 71 5.95 0.31 20.05
N LYS A 72 6.25 0.77 21.28
CA LYS A 72 5.50 1.82 21.97
C LYS A 72 5.58 3.16 21.23
N ALA A 73 6.76 3.47 20.61
CA ALA A 73 6.94 4.71 19.81
C ALA A 73 5.96 4.72 18.63
N LYS A 74 5.80 3.56 17.97
CA LYS A 74 4.85 3.43 16.85
C LYS A 74 3.38 3.43 17.37
N ALA A 75 3.10 2.71 18.45
CA ALA A 75 1.74 2.62 19.04
C ALA A 75 1.23 4.03 19.44
N SER A 76 2.17 4.93 19.79
CA SER A 76 1.82 6.27 20.22
C SER A 76 1.33 7.12 19.05
N THR A 77 1.47 6.66 17.80
CA THR A 77 0.93 7.39 16.64
C THR A 77 -0.55 6.98 16.37
N VAL A 78 -1.06 5.98 17.11
CA VAL A 78 -2.42 5.47 16.86
C VAL A 78 -3.47 6.28 17.59
N LYS A 79 -4.55 6.65 16.87
CA LYS A 79 -5.72 7.28 17.47
C LYS A 79 -6.88 6.28 17.36
N ALA A 80 -7.49 5.90 18.47
CA ALA A 80 -8.60 4.96 18.43
C ALA A 80 -9.86 5.52 19.05
N LYS A 81 -11.00 5.09 18.51
CA LYS A 81 -12.31 5.54 18.95
C LYS A 81 -13.05 4.48 19.74
N LEU A 82 -13.83 4.98 20.70
CA LEU A 82 -14.74 4.22 21.55
C LEU A 82 -15.93 3.89 20.61
N LEU A 83 -16.39 2.64 20.59
CA LEU A 83 -17.57 2.28 19.81
C LEU A 83 -18.78 2.51 20.69
N SER A 84 -19.96 2.81 20.09
CA SER A 84 -21.17 2.94 20.89
C SER A 84 -21.68 1.53 21.21
N VAL A 85 -22.60 1.41 22.18
CA VAL A 85 -23.19 0.09 22.51
C VAL A 85 -23.74 -0.56 21.24
N GLU A 86 -24.46 0.21 20.46
CA GLU A 86 -25.13 -0.19 19.21
C GLU A 86 -24.17 -0.65 18.16
N GLU A 87 -23.06 0.06 18.01
CA GLU A 87 -22.03 -0.34 17.05
C GLU A 87 -21.41 -1.67 17.47
N ALA A 88 -21.10 -1.83 18.78
CA ALA A 88 -20.51 -3.06 19.30
C ALA A 88 -21.50 -4.21 19.23
N CYS A 89 -22.80 -3.93 19.45
CA CYS A 89 -23.90 -4.91 19.32
C CYS A 89 -23.91 -5.56 17.94
N LYS A 90 -23.83 -4.74 16.88
CA LYS A 90 -23.87 -5.19 15.49
C LYS A 90 -22.66 -6.04 15.06
N LEU A 91 -21.57 -6.03 15.85
CA LEU A 91 -20.39 -6.87 15.56
C LEU A 91 -20.53 -8.23 16.21
N THR A 92 -21.63 -8.47 16.93
CA THR A 92 -21.87 -9.72 17.63
C THR A 92 -22.42 -10.80 16.69
N PRO A 93 -21.78 -12.00 16.64
CA PRO A 93 -22.33 -13.09 15.80
C PRO A 93 -23.75 -13.50 16.20
N PRO A 94 -24.67 -13.72 15.22
CA PRO A 94 -26.04 -14.15 15.56
C PRO A 94 -26.16 -15.40 16.46
N HIS A 95 -25.15 -16.30 16.43
CA HIS A 95 -25.17 -17.51 17.24
C HIS A 95 -24.10 -17.50 18.36
N SER A 96 -23.64 -16.30 18.74
CA SER A 96 -22.71 -16.09 19.87
C SER A 96 -23.40 -16.60 21.16
N ALA A 97 -22.62 -17.18 22.09
CA ALA A 97 -23.14 -17.76 23.34
C ALA A 97 -23.98 -16.73 24.13
N LYS A 98 -25.17 -17.14 24.55
CA LYS A 98 -26.10 -16.24 25.28
C LYS A 98 -25.54 -15.78 26.62
N SER A 99 -26.01 -14.64 27.10
CA SER A 99 -25.60 -14.15 28.40
C SER A 99 -26.27 -14.99 29.53
N LYS A 100 -25.67 -15.04 30.72
CA LYS A 100 -26.20 -15.68 31.92
C LYS A 100 -27.28 -14.80 32.52
N PHE A 101 -27.41 -13.55 32.04
CA PHE A 101 -28.31 -12.55 32.60
C PHE A 101 -29.58 -12.28 31.76
N GLY A 102 -30.14 -13.34 31.18
CA GLY A 102 -31.45 -13.30 30.53
C GLY A 102 -31.63 -12.76 29.13
N TYR A 103 -30.56 -12.77 28.32
CA TYR A 103 -30.67 -12.33 26.92
C TYR A 103 -29.62 -13.05 26.10
N GLY A 104 -29.81 -13.08 24.79
CA GLY A 104 -28.90 -13.73 23.88
C GLY A 104 -28.35 -12.86 22.79
N ALA A 105 -27.60 -13.50 21.86
CA ALA A 105 -26.94 -12.81 20.75
C ALA A 105 -27.92 -12.06 19.84
N LYS A 106 -29.12 -12.63 19.58
CA LYS A 106 -30.12 -11.97 18.74
C LYS A 106 -30.75 -10.75 19.43
N ASP A 107 -30.88 -10.78 20.78
CA ASP A 107 -31.36 -9.65 21.57
C ASP A 107 -30.37 -8.49 21.47
N VAL A 108 -29.05 -8.81 21.51
CA VAL A 108 -27.93 -7.86 21.39
C VAL A 108 -28.01 -7.22 19.99
N ARG A 109 -28.05 -8.05 18.93
CA ARG A 109 -28.10 -7.64 17.53
C ARG A 109 -29.34 -6.78 17.21
N ASN A 110 -30.48 -7.06 17.87
CA ASN A 110 -31.71 -6.28 17.71
C ASN A 110 -31.77 -5.04 18.59
N LEU A 111 -30.73 -4.80 19.43
CA LEU A 111 -30.65 -3.65 20.33
C LEU A 111 -31.83 -3.67 21.32
N SER A 112 -32.20 -4.87 21.81
CA SER A 112 -33.28 -5.04 22.77
C SER A 112 -32.92 -4.25 24.02
N SER A 113 -33.93 -3.58 24.61
CA SER A 113 -33.79 -2.76 25.82
C SER A 113 -33.11 -3.54 26.94
N LYS A 114 -33.46 -4.83 27.09
CA LYS A 114 -32.88 -5.68 28.12
C LYS A 114 -31.39 -5.91 27.87
N ALA A 115 -31.00 -6.25 26.63
CA ALA A 115 -29.58 -6.47 26.31
C ALA A 115 -28.78 -5.17 26.51
N VAL A 116 -29.28 -4.04 25.96
CA VAL A 116 -28.64 -2.71 25.98
C VAL A 116 -28.53 -2.19 27.43
N ASN A 117 -29.58 -2.36 28.26
CA ASN A 117 -29.50 -1.94 29.67
C ASN A 117 -28.46 -2.74 30.47
N HIS A 118 -28.36 -4.07 30.24
N HIS A 118 -28.38 -4.06 30.22
CA HIS A 118 -27.33 -4.87 30.95
CA HIS A 118 -27.40 -4.93 30.88
C HIS A 118 -25.93 -4.46 30.51
C HIS A 118 -25.96 -4.55 30.48
N ILE A 119 -25.73 -4.26 29.19
CA ILE A 119 -24.43 -3.81 28.63
C ILE A 119 -24.00 -2.47 29.27
N HIS A 120 -24.93 -1.51 29.40
CA HIS A 120 -24.64 -0.22 30.06
C HIS A 120 -24.25 -0.43 31.54
N SER A 121 -24.90 -1.37 32.24
CA SER A 121 -24.54 -1.64 33.64
C SER A 121 -23.15 -2.34 33.74
N VAL A 122 -22.82 -3.24 32.77
CA VAL A 122 -21.50 -3.91 32.74
C VAL A 122 -20.40 -2.84 32.50
N TRP A 123 -20.64 -1.93 31.52
CA TRP A 123 -19.73 -0.83 31.19
C TRP A 123 -19.49 0.09 32.42
N LYS A 124 -20.57 0.52 33.08
CA LYS A 124 -20.47 1.35 34.29
C LYS A 124 -19.63 0.64 35.37
N ASP A 125 -19.84 -0.69 35.54
CA ASP A 125 -19.07 -1.47 36.51
C ASP A 125 -17.55 -1.51 36.15
N LEU A 126 -17.22 -1.59 34.83
CA LEU A 126 -15.82 -1.57 34.36
C LEU A 126 -15.13 -0.25 34.77
N LEU A 127 -15.84 0.86 34.62
CA LEU A 127 -15.30 2.17 34.95
C LEU A 127 -15.10 2.37 36.44
N GLU A 128 -15.99 1.82 37.26
CA GLU A 128 -16.00 2.03 38.70
C GLU A 128 -15.18 1.02 39.49
N ASP A 129 -14.93 -0.16 38.92
CA ASP A 129 -14.20 -1.22 39.63
C ASP A 129 -13.10 -1.70 38.69
N THR A 130 -11.83 -1.64 39.12
CA THR A 130 -10.71 -2.10 38.30
C THR A 130 -10.00 -3.25 39.04
N VAL A 131 -10.68 -3.90 39.99
N VAL A 131 -10.66 -3.92 40.01
CA VAL A 131 -10.07 -4.94 40.81
CA VAL A 131 -10.02 -4.97 40.83
C VAL A 131 -10.71 -6.32 40.64
C VAL A 131 -10.71 -6.35 40.82
N THR A 132 -12.06 -6.40 40.82
CA THR A 132 -12.76 -7.68 40.89
C THR A 132 -12.58 -8.59 39.67
N PRO A 133 -11.99 -9.80 39.86
CA PRO A 133 -11.87 -10.71 38.71
C PRO A 133 -13.25 -10.99 38.10
N ILE A 134 -13.30 -10.94 36.78
CA ILE A 134 -14.51 -11.19 35.99
C ILE A 134 -14.61 -12.70 35.74
N ASP A 135 -15.83 -13.24 35.82
CA ASP A 135 -16.07 -14.66 35.62
C ASP A 135 -15.86 -15.03 34.15
N THR A 136 -15.44 -16.28 33.91
CA THR A 136 -15.28 -16.82 32.57
C THR A 136 -15.80 -18.25 32.58
N THR A 137 -16.21 -18.71 31.40
CA THR A 137 -16.66 -20.07 31.17
C THR A 137 -15.53 -20.81 30.46
N ILE A 138 -15.22 -22.00 30.92
CA ILE A 138 -14.23 -22.85 30.27
C ILE A 138 -15.03 -23.97 29.55
N MET A 139 -14.72 -24.21 28.24
CA MET A 139 -15.37 -25.24 27.42
C MET A 139 -14.32 -26.00 26.63
N ALA A 140 -14.63 -27.24 26.23
CA ALA A 140 -13.80 -28.00 25.34
C ALA A 140 -14.35 -27.75 23.93
N LYS A 141 -13.47 -27.42 22.99
CA LYS A 141 -13.88 -27.17 21.61
C LYS A 141 -14.11 -28.53 20.93
N ASN A 142 -15.09 -28.60 20.01
CA ASN A 142 -15.37 -29.78 19.21
C ASN A 142 -14.85 -29.51 17.81
N GLU A 143 -13.64 -29.98 17.52
CA GLU A 143 -12.97 -29.80 16.23
C GLU A 143 -12.67 -31.14 15.59
N VAL A 144 -12.74 -31.19 14.27
CA VAL A 144 -12.57 -32.40 13.46
C VAL A 144 -11.13 -32.50 12.91
N PHE A 145 -10.54 -33.69 13.01
CA PHE A 145 -9.20 -33.96 12.51
C PHE A 145 -9.13 -35.37 11.88
N CYS A 146 -7.99 -35.66 11.25
CA CYS A 146 -7.64 -36.98 10.78
C CYS A 146 -6.65 -37.55 11.80
N VAL A 147 -6.75 -38.84 12.12
CA VAL A 147 -5.83 -39.55 13.02
C VAL A 147 -4.34 -39.47 12.56
N GLN A 148 -3.39 -39.54 13.54
CA GLN A 148 -1.93 -39.52 13.39
C GLN A 148 -1.43 -38.31 12.60
N ARG A 154 -4.95 -39.63 18.90
CA ARG A 154 -5.98 -38.59 18.82
C ARG A 154 -5.58 -37.41 19.68
N LYS A 155 -5.73 -36.18 19.14
CA LYS A 155 -5.43 -34.95 19.88
C LYS A 155 -6.51 -34.72 20.96
N PRO A 156 -6.16 -34.33 22.21
CA PRO A 156 -7.23 -34.01 23.19
C PRO A 156 -7.89 -32.69 22.78
N ALA A 157 -9.09 -32.41 23.28
CA ALA A 157 -9.81 -31.18 22.93
C ALA A 157 -9.02 -29.92 23.31
N ARG A 158 -9.05 -28.89 22.45
CA ARG A 158 -8.48 -27.58 22.77
C ARG A 158 -9.51 -26.90 23.70
N LEU A 159 -9.05 -25.98 24.54
CA LEU A 159 -9.93 -25.32 25.48
C LEU A 159 -10.28 -23.91 25.02
N ILE A 160 -11.48 -23.42 25.39
CA ILE A 160 -11.94 -22.07 25.10
C ILE A 160 -12.35 -21.44 26.42
N VAL A 161 -11.85 -20.22 26.67
CA VAL A 161 -12.12 -19.48 27.91
C VAL A 161 -12.67 -18.12 27.53
N PHE A 162 -13.91 -17.84 27.92
CA PHE A 162 -14.61 -16.62 27.51
C PHE A 162 -15.47 -15.97 28.61
N PRO A 163 -15.55 -14.61 28.63
CA PRO A 163 -16.43 -13.96 29.61
C PRO A 163 -17.84 -13.90 29.05
N ASP A 164 -18.79 -13.42 29.86
CA ASP A 164 -20.20 -13.31 29.47
C ASP A 164 -20.39 -12.36 28.30
N LEU A 165 -21.45 -12.58 27.51
CA LEU A 165 -21.86 -11.78 26.35
C LEU A 165 -21.82 -10.26 26.61
N GLY A 166 -22.34 -9.80 27.76
CA GLY A 166 -22.33 -8.39 28.15
C GLY A 166 -20.92 -7.84 28.23
N VAL A 167 -19.98 -8.62 28.81
CA VAL A 167 -18.55 -8.26 28.87
C VAL A 167 -17.95 -8.16 27.45
N ARG A 168 -18.27 -9.14 26.58
CA ARG A 168 -17.77 -9.19 25.18
C ARG A 168 -18.18 -7.96 24.38
N VAL A 169 -19.39 -7.45 24.60
CA VAL A 169 -19.84 -6.25 23.92
C VAL A 169 -19.01 -5.05 24.44
N CYS A 170 -18.76 -4.99 25.76
CA CYS A 170 -17.93 -3.95 26.37
C CYS A 170 -16.50 -3.98 25.85
N GLU A 171 -15.92 -5.20 25.67
CA GLU A 171 -14.58 -5.36 25.10
C GLU A 171 -14.56 -4.69 23.71
N LYS A 172 -15.59 -4.95 22.88
CA LYS A 172 -15.67 -4.35 21.55
C LYS A 172 -15.66 -2.82 21.66
N MET A 173 -16.53 -2.24 22.49
N MET A 173 -16.54 -2.25 22.51
CA MET A 173 -16.61 -0.78 22.66
CA MET A 173 -16.67 -0.81 22.75
C MET A 173 -15.25 -0.14 22.97
C MET A 173 -15.32 -0.13 23.03
N ALA A 174 -14.53 -0.72 23.95
CA ALA A 174 -13.23 -0.22 24.40
C ALA A 174 -12.06 -0.49 23.47
N LEU A 175 -12.06 -1.69 22.82
CA LEU A 175 -10.87 -2.15 22.11
C LEU A 175 -11.01 -2.56 20.67
N TYR A 176 -12.23 -2.62 20.12
CA TYR A 176 -12.37 -3.05 18.73
C TYR A 176 -11.48 -2.24 17.76
N ASP A 177 -11.56 -0.90 17.85
CA ASP A 177 -10.78 -0.01 16.98
C ASP A 177 -9.28 -0.17 17.25
N VAL A 178 -8.88 -0.36 18.52
CA VAL A 178 -7.47 -0.60 18.89
C VAL A 178 -6.95 -1.89 18.20
N VAL A 179 -7.62 -3.03 18.39
CA VAL A 179 -7.14 -4.34 17.91
C VAL A 179 -7.21 -4.44 16.39
N SER A 180 -7.98 -3.57 15.76
CA SER A 180 -8.12 -3.54 14.32
C SER A 180 -7.05 -2.65 13.66
N THR A 181 -6.58 -1.60 14.35
N THR A 181 -6.61 -1.60 14.35
CA THR A 181 -5.64 -0.65 13.74
CA THR A 181 -5.68 -0.61 13.80
C THR A 181 -4.22 -0.63 14.32
C THR A 181 -4.24 -0.69 14.31
N LEU A 182 -4.07 -0.88 15.63
CA LEU A 182 -2.76 -0.87 16.29
C LEU A 182 -1.74 -1.89 15.72
N PRO A 183 -2.08 -3.18 15.45
CA PRO A 183 -1.03 -4.14 15.02
C PRO A 183 -0.26 -3.77 13.75
N GLN A 184 -0.95 -3.31 12.69
CA GLN A 184 -0.29 -2.90 11.46
C GLN A 184 0.59 -1.67 11.66
N VAL A 185 0.18 -0.74 12.55
CA VAL A 185 1.01 0.44 12.82
C VAL A 185 2.28 0.02 13.58
N VAL A 186 2.13 -0.87 14.58
CA VAL A 186 3.28 -1.29 15.39
C VAL A 186 4.28 -2.20 14.62
N MET A 187 3.72 -3.14 13.82
CA MET A 187 4.52 -4.17 13.16
C MET A 187 4.72 -4.00 11.65
N GLY A 188 4.04 -3.01 11.07
CA GLY A 188 4.13 -2.71 9.65
C GLY A 188 3.82 -3.93 8.79
N SER A 189 4.69 -4.18 7.79
CA SER A 189 4.54 -5.30 6.83
C SER A 189 4.67 -6.69 7.49
N SER A 190 5.18 -6.76 8.75
CA SER A 190 5.30 -8.01 9.51
C SER A 190 3.94 -8.53 10.02
N TYR A 191 2.91 -7.65 10.07
CA TYR A 191 1.58 -8.05 10.54
C TYR A 191 0.86 -8.87 9.47
N GLY A 192 0.74 -10.18 9.71
CA GLY A 192 0.15 -11.08 8.73
C GLY A 192 -1.30 -10.90 8.34
N PHE A 193 -2.17 -10.46 9.28
CA PHE A 193 -3.60 -10.40 9.04
C PHE A 193 -4.04 -9.25 8.13
N GLN A 194 -3.12 -8.36 7.73
CA GLN A 194 -3.46 -7.28 6.78
C GLN A 194 -3.48 -7.84 5.33
N TYR A 195 -2.99 -9.07 5.11
CA TYR A 195 -2.89 -9.63 3.76
C TYR A 195 -3.95 -10.62 3.40
N SER A 196 -4.38 -10.60 2.13
CA SER A 196 -5.21 -11.62 1.53
C SER A 196 -4.23 -12.81 1.31
N PRO A 197 -4.65 -14.06 0.97
CA PRO A 197 -3.65 -15.12 0.69
C PRO A 197 -2.65 -14.74 -0.43
N GLY A 198 -3.12 -14.03 -1.45
CA GLY A 198 -2.32 -13.56 -2.58
C GLY A 198 -1.27 -12.55 -2.15
N GLN A 199 -1.66 -11.63 -1.25
CA GLN A 199 -0.74 -10.63 -0.75
C GLN A 199 0.30 -11.23 0.19
N ARG A 200 -0.07 -12.31 0.90
CA ARG A 200 0.85 -13.01 1.81
C ARG A 200 1.95 -13.70 1.00
N VAL A 201 1.56 -14.32 -0.12
CA VAL A 201 2.47 -14.99 -1.06
C VAL A 201 3.46 -13.94 -1.61
N GLU A 202 2.93 -12.79 -2.07
CA GLU A 202 3.67 -11.65 -2.60
C GLU A 202 4.69 -11.15 -1.57
N PHE A 203 4.26 -10.99 -0.31
CA PHE A 203 5.14 -10.53 0.76
C PHE A 203 6.27 -11.55 1.01
N LEU A 204 5.92 -12.84 1.09
CA LEU A 204 6.88 -13.92 1.30
C LEU A 204 7.92 -14.02 0.16
N VAL A 205 7.44 -13.98 -1.10
CA VAL A 205 8.29 -14.03 -2.31
C VAL A 205 9.25 -12.82 -2.37
N ASN A 206 8.72 -11.60 -2.19
CA ASN A 206 9.54 -10.38 -2.18
C ASN A 206 10.57 -10.37 -1.06
N THR A 207 10.19 -10.89 0.13
CA THR A 207 11.10 -10.96 1.28
C THR A 207 12.26 -11.93 0.98
N TRP A 208 11.93 -13.13 0.49
CA TRP A 208 12.86 -14.17 0.14
C TRP A 208 13.90 -13.64 -0.89
N LYS A 209 13.39 -12.92 -1.92
CA LYS A 209 14.18 -12.32 -2.99
C LYS A 209 15.05 -11.17 -2.51
N SER A 210 14.61 -10.44 -1.46
CA SER A 210 15.35 -9.30 -0.90
C SER A 210 16.64 -9.70 -0.18
N LYS A 211 16.82 -11.01 0.14
CA LYS A 211 18.02 -11.51 0.82
C LYS A 211 19.06 -12.00 -0.20
N LYS A 212 20.35 -11.75 0.07
CA LYS A 212 21.48 -12.19 -0.77
C LYS A 212 21.54 -13.73 -0.74
N ASN A 213 21.51 -14.33 0.48
CA ASN A 213 21.49 -15.79 0.66
C ASN A 213 20.37 -16.09 1.66
N PRO A 214 19.10 -16.22 1.17
CA PRO A 214 17.97 -16.39 2.11
C PRO A 214 17.94 -17.68 2.90
N MET A 215 17.49 -17.56 4.15
CA MET A 215 17.23 -18.67 5.06
C MET A 215 15.94 -18.29 5.75
N GLY A 216 15.09 -19.28 5.93
CA GLY A 216 13.81 -19.07 6.56
C GLY A 216 13.44 -20.19 7.50
N PHE A 217 12.59 -19.89 8.49
CA PHE A 217 12.10 -20.88 9.43
C PHE A 217 10.79 -20.42 10.05
N SER A 218 10.02 -21.37 10.52
CA SER A 218 8.79 -21.09 11.21
C SER A 218 9.08 -21.47 12.64
N TYR A 219 8.56 -20.71 13.61
CA TYR A 219 8.83 -21.06 15.01
C TYR A 219 7.51 -21.41 15.64
N ASP A 220 7.43 -22.64 16.15
CA ASP A 220 6.24 -23.17 16.82
C ASP A 220 6.44 -23.10 18.32
N THR A 221 5.61 -22.30 19.01
CA THR A 221 5.68 -22.20 20.46
C THR A 221 4.72 -23.26 20.98
N ARG A 222 5.16 -24.03 21.97
CA ARG A 222 4.33 -25.06 22.59
C ARG A 222 3.28 -24.37 23.49
N CYS A 223 1.97 -24.62 23.22
N CYS A 223 1.99 -24.57 23.15
CA CYS A 223 0.82 -24.09 23.99
CA CYS A 223 0.85 -24.07 23.89
C CYS A 223 0.98 -22.57 24.26
C CYS A 223 1.02 -22.58 24.23
N PHE A 224 1.07 -21.75 23.19
CA PHE A 224 1.32 -20.30 23.28
C PHE A 224 0.49 -19.55 24.34
N ASP A 225 -0.84 -19.75 24.37
CA ASP A 225 -1.69 -19.07 25.37
C ASP A 225 -1.22 -19.29 26.82
N SER A 226 -0.78 -20.51 27.15
CA SER A 226 -0.31 -20.84 28.50
C SER A 226 1.05 -20.26 28.81
N THR A 227 1.85 -19.92 27.79
CA THR A 227 3.19 -19.31 28.00
C THR A 227 3.07 -17.83 28.31
N VAL A 228 1.91 -17.23 27.98
CA VAL A 228 1.64 -15.80 28.17
C VAL A 228 1.50 -15.53 29.66
N THR A 229 2.41 -14.73 30.22
CA THR A 229 2.46 -14.40 31.66
C THR A 229 1.72 -13.10 31.99
N GLU A 230 1.60 -12.78 33.29
CA GLU A 230 0.99 -11.51 33.73
C GLU A 230 1.79 -10.34 33.17
N ASN A 231 3.13 -10.43 33.20
CA ASN A 231 4.02 -9.43 32.62
C ASN A 231 3.61 -9.16 31.15
N ASP A 232 3.46 -10.23 30.35
CA ASP A 232 3.10 -10.10 28.93
C ASP A 232 1.80 -9.34 28.73
N ILE A 233 0.78 -9.68 29.52
CA ILE A 233 -0.54 -9.07 29.44
C ILE A 233 -0.49 -7.58 29.88
N ARG A 234 0.35 -7.25 30.90
CA ARG A 234 0.55 -5.86 31.35
C ARG A 234 1.34 -5.07 30.28
N VAL A 235 2.31 -5.73 29.62
CA VAL A 235 3.09 -5.12 28.55
C VAL A 235 2.15 -4.79 27.36
N GLU A 236 1.22 -5.70 27.02
CA GLU A 236 0.25 -5.45 25.95
C GLU A 236 -0.61 -4.23 26.33
N GLU A 237 -1.06 -4.15 27.60
CA GLU A 237 -1.86 -3.01 28.02
C GLU A 237 -1.10 -1.69 27.90
N SER A 238 0.21 -1.68 28.29
CA SER A 238 1.02 -0.45 28.18
C SER A 238 1.12 -0.02 26.70
N ILE A 239 1.14 -0.98 25.76
CA ILE A 239 1.12 -0.71 24.32
C ILE A 239 -0.25 -0.08 23.93
N TYR A 240 -1.37 -0.70 24.34
CA TYR A 240 -2.71 -0.15 24.02
C TYR A 240 -2.84 1.27 24.57
N GLN A 241 -2.27 1.51 25.79
CA GLN A 241 -2.32 2.78 26.49
C GLN A 241 -1.52 3.88 25.80
N CYS A 242 -0.59 3.51 24.87
CA CYS A 242 0.16 4.47 24.07
C CYS A 242 -0.75 5.22 23.12
N CYS A 243 -1.88 4.58 22.71
CA CYS A 243 -2.85 5.17 21.80
C CYS A 243 -3.45 6.44 22.34
N ASP A 244 -3.90 7.29 21.39
CA ASP A 244 -4.69 8.46 21.73
C ASP A 244 -6.11 7.85 21.91
N LEU A 245 -6.59 7.84 23.16
CA LEU A 245 -7.87 7.26 23.54
C LEU A 245 -8.80 8.23 24.28
N ALA A 246 -10.12 7.96 24.22
CA ALA A 246 -11.11 8.71 24.99
C ALA A 246 -10.86 8.32 26.48
N PRO A 247 -11.03 9.24 27.47
CA PRO A 247 -10.80 8.85 28.89
C PRO A 247 -11.54 7.58 29.36
N GLU A 248 -12.81 7.35 28.90
CA GLU A 248 -13.56 6.16 29.30
C GLU A 248 -12.94 4.87 28.76
N ALA A 249 -12.39 4.94 27.52
CA ALA A 249 -11.72 3.79 26.87
C ALA A 249 -10.45 3.41 27.66
N ARG A 250 -9.66 4.40 28.12
CA ARG A 250 -8.45 4.15 28.93
C ARG A 250 -8.81 3.42 30.19
N GLN A 251 -9.86 3.91 30.89
CA GLN A 251 -10.32 3.33 32.14
C GLN A 251 -10.84 1.89 31.91
N ALA A 252 -11.66 1.70 30.87
CA ALA A 252 -12.19 0.37 30.52
C ALA A 252 -11.07 -0.61 30.15
N ILE A 253 -9.99 -0.15 29.46
CA ILE A 253 -8.87 -1.01 29.07
C ILE A 253 -8.08 -1.44 30.30
N LYS A 254 -7.88 -0.50 31.25
CA LYS A 254 -7.18 -0.80 32.49
C LYS A 254 -7.99 -1.86 33.28
N SER A 255 -9.29 -1.62 33.39
CA SER A 255 -10.24 -2.47 34.10
C SER A 255 -10.28 -3.87 33.48
N LEU A 256 -10.46 -3.95 32.14
CA LEU A 256 -10.48 -5.23 31.44
C LEU A 256 -9.16 -5.96 31.61
N THR A 257 -8.03 -5.23 31.60
CA THR A 257 -6.72 -5.88 31.80
C THR A 257 -6.63 -6.50 33.20
N GLU A 258 -6.94 -5.71 34.24
CA GLU A 258 -6.84 -6.13 35.63
C GLU A 258 -7.80 -7.25 35.97
N ARG A 259 -9.05 -7.13 35.53
CA ARG A 259 -10.15 -8.03 35.90
C ARG A 259 -10.37 -9.24 34.99
N LEU A 260 -9.92 -9.16 33.75
CA LEU A 260 -10.15 -10.22 32.79
C LEU A 260 -8.89 -10.71 32.05
N TYR A 261 -8.15 -9.81 31.41
CA TYR A 261 -7.02 -10.26 30.56
C TYR A 261 -5.87 -10.95 31.35
N ILE A 262 -5.53 -10.44 32.52
CA ILE A 262 -4.48 -11.02 33.37
C ILE A 262 -4.86 -12.40 33.92
N GLY A 263 -6.14 -12.58 34.22
CA GLY A 263 -6.57 -13.84 34.79
C GLY A 263 -7.93 -13.76 35.43
N GLY A 264 -8.36 -14.88 35.99
CA GLY A 264 -9.67 -14.96 36.61
C GLY A 264 -10.20 -16.36 36.79
N PRO A 265 -11.35 -16.50 37.52
CA PRO A 265 -11.90 -17.84 37.77
C PRO A 265 -12.49 -18.48 36.53
N LEU A 266 -12.44 -19.82 36.49
CA LEU A 266 -12.92 -20.66 35.39
C LEU A 266 -14.15 -21.41 35.84
N THR A 267 -15.26 -21.21 35.15
CA THR A 267 -16.53 -21.83 35.51
C THR A 267 -16.96 -22.76 34.39
N ASN A 268 -17.40 -24.01 34.74
CA ASN A 268 -17.87 -24.93 33.71
C ASN A 268 -19.31 -24.57 33.30
N SER A 269 -19.86 -25.25 32.26
CA SER A 269 -21.20 -25.03 31.71
C SER A 269 -22.31 -25.29 32.75
N LYS A 270 -21.99 -26.03 33.82
CA LYS A 270 -22.94 -26.37 34.90
C LYS A 270 -22.82 -25.39 36.08
N GLY A 271 -21.99 -24.37 35.96
CA GLY A 271 -21.78 -23.38 37.01
C GLY A 271 -20.83 -23.75 38.14
N GLN A 272 -20.01 -24.78 37.97
CA GLN A 272 -19.06 -25.15 39.02
C GLN A 272 -17.73 -24.48 38.78
N ASN A 273 -17.02 -24.14 39.87
CA ASN A 273 -15.68 -23.58 39.78
C ASN A 273 -14.67 -24.68 39.39
N CYS A 274 -14.00 -24.53 38.24
CA CYS A 274 -13.00 -25.47 37.73
C CYS A 274 -11.58 -25.11 38.13
N GLY A 275 -11.37 -23.85 38.43
CA GLY A 275 -10.05 -23.34 38.79
C GLY A 275 -9.83 -21.89 38.46
N TYR A 276 -8.56 -21.55 38.25
CA TYR A 276 -8.13 -20.17 38.02
C TYR A 276 -7.09 -20.04 36.92
N ARG A 277 -7.28 -19.06 36.03
CA ARG A 277 -6.38 -18.81 34.90
C ARG A 277 -5.41 -17.65 35.24
N ARG A 278 -4.11 -17.79 34.87
CA ARG A 278 -3.09 -16.74 35.06
C ARG A 278 -2.30 -16.55 33.76
N CYS A 279 -2.94 -16.88 32.65
CA CYS A 279 -2.38 -16.82 31.32
C CYS A 279 -3.41 -16.27 30.37
N ARG A 280 -3.08 -16.23 29.06
CA ARG A 280 -3.98 -15.72 28.04
C ARG A 280 -5.31 -16.49 27.99
N ALA A 281 -6.43 -15.76 28.00
CA ALA A 281 -7.76 -16.34 27.77
C ALA A 281 -7.87 -16.47 26.25
N SER A 282 -8.25 -17.66 25.77
CA SER A 282 -8.37 -17.93 24.32
C SER A 282 -9.61 -17.31 23.67
N GLY A 283 -10.59 -16.90 24.46
CA GLY A 283 -11.83 -16.37 23.91
C GLY A 283 -12.15 -14.95 24.33
N VAL A 284 -11.20 -14.04 24.15
CA VAL A 284 -11.42 -12.62 24.43
C VAL A 284 -11.12 -11.82 23.15
N LEU A 285 -11.54 -10.56 23.10
CA LEU A 285 -11.31 -9.73 21.92
C LEU A 285 -9.84 -9.55 21.58
N THR A 286 -9.00 -9.40 22.60
CA THR A 286 -7.58 -9.15 22.46
C THR A 286 -6.74 -10.41 22.24
N THR A 287 -7.34 -11.62 22.17
CA THR A 287 -6.54 -12.84 22.01
C THR A 287 -5.56 -12.77 20.80
N SER A 288 -6.09 -12.44 19.62
CA SER A 288 -5.31 -12.36 18.39
C SER A 288 -4.25 -11.27 18.44
N CYS A 289 -4.67 -10.02 18.73
CA CYS A 289 -3.78 -8.85 18.81
C CYS A 289 -2.72 -9.02 19.91
N GLY A 290 -3.16 -9.46 21.10
CA GLY A 290 -2.26 -9.71 22.22
C GLY A 290 -1.21 -10.75 21.84
N ASN A 291 -1.65 -11.88 21.25
CA ASN A 291 -0.74 -12.94 20.83
C ASN A 291 0.25 -12.48 19.78
N THR A 292 -0.23 -11.72 18.77
CA THR A 292 0.59 -11.18 17.68
C THR A 292 1.68 -10.25 18.23
N LEU A 293 1.27 -9.28 19.07
CA LEU A 293 2.20 -8.31 19.66
C LEU A 293 3.26 -8.99 20.51
N THR A 294 2.85 -9.91 21.37
CA THR A 294 3.73 -10.65 22.26
C THR A 294 4.67 -11.56 21.50
N CYS A 295 4.16 -12.25 20.46
CA CYS A 295 4.98 -13.13 19.65
C CYS A 295 6.02 -12.29 18.89
N TYR A 296 5.58 -11.19 18.28
CA TYR A 296 6.46 -10.29 17.55
C TYR A 296 7.54 -9.68 18.48
N LEU A 297 7.15 -9.29 19.71
CA LEU A 297 8.09 -8.69 20.66
C LEU A 297 9.19 -9.69 21.06
N LYS A 298 8.80 -10.87 21.50
CA LYS A 298 9.74 -11.91 21.94
C LYS A 298 10.63 -12.38 20.79
N ALA A 299 10.05 -12.57 19.59
CA ALA A 299 10.83 -13.01 18.44
C ALA A 299 11.78 -11.96 17.90
N SER A 300 11.36 -10.65 17.85
CA SER A 300 12.26 -9.57 17.37
C SER A 300 13.46 -9.47 18.33
N ALA A 301 13.20 -9.54 19.64
CA ALA A 301 14.21 -9.51 20.68
C ALA A 301 15.15 -10.74 20.55
N ALA A 302 14.58 -11.96 20.32
CA ALA A 302 15.34 -13.21 20.17
C ALA A 302 16.25 -13.20 18.95
N CYS A 303 15.82 -12.55 17.86
N CYS A 303 15.82 -12.56 17.87
CA CYS A 303 16.56 -12.37 16.62
CA CYS A 303 16.59 -12.42 16.64
C CYS A 303 17.86 -11.57 16.89
C CYS A 303 17.87 -11.60 16.92
N ARG A 304 17.75 -10.49 17.70
CA ARG A 304 18.89 -9.64 18.09
C ARG A 304 19.83 -10.44 19.01
N ALA A 305 19.27 -11.21 19.95
CA ALA A 305 20.04 -12.07 20.86
C ALA A 305 20.85 -13.12 20.08
N ALA A 306 20.24 -13.72 19.04
CA ALA A 306 20.86 -14.75 18.21
C ALA A 306 21.76 -14.21 17.11
N LYS A 307 21.82 -12.87 16.94
CA LYS A 307 22.62 -12.16 15.94
C LYS A 307 22.22 -12.56 14.50
N LEU A 308 20.93 -12.83 14.32
CA LEU A 308 20.35 -13.18 13.02
C LEU A 308 20.40 -11.93 12.12
N GLN A 309 21.06 -12.01 10.96
CA GLN A 309 21.17 -10.86 10.08
C GLN A 309 19.95 -10.64 9.24
N ASP A 310 19.48 -9.39 9.23
CA ASP A 310 18.35 -8.89 8.43
C ASP A 310 17.10 -9.79 8.53
N CYS A 311 16.59 -10.00 9.74
N CYS A 311 16.57 -9.94 9.75
CA CYS A 311 15.42 -10.83 10.01
CA CYS A 311 15.35 -10.71 9.94
C CYS A 311 14.10 -10.09 9.72
C CYS A 311 14.16 -9.93 9.50
N THR A 312 13.31 -10.60 8.74
CA THR A 312 12.02 -10.07 8.35
C THR A 312 11.07 -11.07 8.96
N MET A 313 10.17 -10.57 9.80
CA MET A 313 9.21 -11.43 10.45
C MET A 313 7.87 -11.38 9.76
N LEU A 314 7.10 -12.47 9.89
CA LEU A 314 5.72 -12.51 9.44
C LEU A 314 4.98 -13.16 10.57
N VAL A 315 4.16 -12.38 11.28
CA VAL A 315 3.46 -12.80 12.51
C VAL A 315 1.95 -12.76 12.38
N ASN A 316 1.27 -13.83 12.82
CA ASN A 316 -0.18 -13.99 12.82
C ASN A 316 -0.51 -14.68 14.12
N GLY A 317 -0.89 -13.93 15.16
CA GLY A 317 -1.14 -14.53 16.46
C GLY A 317 0.13 -15.20 16.95
N ASP A 318 0.04 -16.47 17.31
CA ASP A 318 1.19 -17.26 17.76
C ASP A 318 1.97 -17.87 16.58
N ASP A 319 1.49 -17.67 15.33
CA ASP A 319 2.18 -18.21 14.15
C ASP A 319 3.26 -17.26 13.66
N LEU A 320 4.50 -17.77 13.61
CA LEU A 320 5.68 -16.98 13.27
C LEU A 320 6.56 -17.58 12.17
N VAL A 321 6.89 -16.74 11.18
CA VAL A 321 7.82 -17.01 10.10
C VAL A 321 8.89 -15.95 10.16
N VAL A 322 10.16 -16.39 10.10
CA VAL A 322 11.32 -15.47 10.06
C VAL A 322 12.08 -15.82 8.79
N ILE A 323 12.39 -14.78 7.98
CA ILE A 323 13.22 -14.90 6.79
C ILE A 323 14.42 -13.97 7.03
N CYS A 324 15.65 -14.49 6.93
CA CYS A 324 16.86 -13.70 7.19
C CYS A 324 18.02 -14.06 6.27
N GLU A 325 19.20 -13.52 6.57
CA GLU A 325 20.42 -13.82 5.84
C GLU A 325 21.05 -15.06 6.44
N SER A 326 21.47 -16.00 5.59
CA SER A 326 22.15 -17.23 6.02
C SER A 326 23.60 -16.90 6.41
N ALA A 327 24.15 -17.65 7.38
CA ALA A 327 25.54 -17.50 7.83
C ALA A 327 26.32 -18.77 7.49
N GLY A 328 25.68 -19.60 6.68
CA GLY A 328 26.13 -20.93 6.30
C GLY A 328 25.18 -21.90 6.97
N THR A 329 24.87 -23.04 6.32
CA THR A 329 23.89 -24.01 6.86
C THR A 329 24.15 -24.40 8.32
N GLN A 330 25.40 -24.80 8.65
CA GLN A 330 25.76 -25.20 10.03
C GLN A 330 25.70 -24.05 11.03
N GLU A 331 26.06 -22.80 10.59
CA GLU A 331 25.98 -21.63 11.47
C GLU A 331 24.51 -21.27 11.77
N ASP A 332 23.64 -21.40 10.76
CA ASP A 332 22.19 -21.22 10.86
C ASP A 332 21.59 -22.18 11.90
N ALA A 333 22.00 -23.48 11.89
CA ALA A 333 21.47 -24.40 12.91
C ALA A 333 21.85 -23.96 14.34
N ALA A 334 23.10 -23.49 14.54
CA ALA A 334 23.57 -23.03 15.85
C ALA A 334 22.86 -21.73 16.24
N SER A 335 22.62 -20.85 15.25
CA SER A 335 21.93 -19.57 15.42
C SER A 335 20.50 -19.79 15.90
N LEU A 336 19.84 -20.84 15.36
CA LEU A 336 18.48 -21.20 15.69
C LEU A 336 18.36 -21.72 17.12
N ARG A 337 19.40 -22.45 17.60
CA ARG A 337 19.42 -22.94 18.98
C ARG A 337 19.52 -21.77 19.96
N VAL A 338 20.25 -20.69 19.57
CA VAL A 338 20.40 -19.49 20.39
C VAL A 338 19.06 -18.71 20.39
N PHE A 339 18.43 -18.57 19.22
CA PHE A 339 17.11 -17.93 19.04
C PHE A 339 16.10 -18.63 19.95
N THR A 340 16.16 -19.98 19.98
CA THR A 340 15.30 -20.83 20.77
C THR A 340 15.52 -20.67 22.24
N GLU A 341 16.79 -20.51 22.64
CA GLU A 341 17.17 -20.28 24.04
C GLU A 341 16.65 -18.93 24.50
N ALA A 342 16.74 -17.89 23.63
CA ALA A 342 16.22 -16.55 23.94
C ALA A 342 14.70 -16.58 24.07
N MET A 343 14.01 -17.27 23.15
CA MET A 343 12.54 -17.41 23.17
C MET A 343 12.11 -18.11 24.45
N THR A 344 12.88 -19.13 24.88
CA THR A 344 12.62 -19.91 26.10
C THR A 344 12.74 -19.03 27.35
N ARG A 345 13.77 -18.15 27.41
CA ARG A 345 13.98 -17.22 28.54
C ARG A 345 12.85 -16.22 28.60
N TYR A 346 12.29 -15.88 27.44
CA TYR A 346 11.14 -14.98 27.32
C TYR A 346 9.80 -15.67 27.61
N SER A 347 9.83 -16.96 28.00
CA SER A 347 8.64 -17.79 28.25
C SER A 347 7.85 -18.01 26.94
N ALA A 348 8.53 -18.58 25.93
CA ALA A 348 7.93 -18.99 24.64
C ALA A 348 8.78 -20.20 24.13
N PRO A 349 8.84 -21.31 24.93
CA PRO A 349 9.65 -22.47 24.52
C PRO A 349 9.07 -23.14 23.27
N PRO A 350 9.89 -23.90 22.49
CA PRO A 350 9.37 -24.47 21.25
C PRO A 350 8.63 -25.78 21.41
N GLY A 351 7.71 -26.04 20.50
CA GLY A 351 7.00 -27.31 20.43
C GLY A 351 7.96 -28.25 19.76
N ASP A 352 8.19 -28.03 18.48
CA ASP A 352 9.18 -28.72 17.66
C ASP A 352 10.37 -27.77 17.52
N PRO A 353 11.62 -28.24 17.51
CA PRO A 353 12.74 -27.28 17.33
C PRO A 353 12.68 -26.67 15.92
N PRO A 354 12.83 -25.33 15.74
CA PRO A 354 12.75 -24.74 14.38
C PRO A 354 13.84 -25.29 13.45
N GLN A 355 13.51 -25.47 12.15
CA GLN A 355 14.43 -26.03 11.15
C GLN A 355 14.76 -24.96 10.11
N PRO A 356 16.06 -24.68 9.83
CA PRO A 356 16.38 -23.71 8.76
C PRO A 356 16.00 -24.29 7.41
N GLU A 357 15.45 -23.44 6.54
CA GLU A 357 15.00 -23.84 5.20
C GLU A 357 15.62 -22.93 4.18
N TYR A 358 16.01 -23.49 3.02
CA TYR A 358 16.69 -22.79 1.93
C TYR A 358 15.88 -22.82 0.63
N ASP A 359 14.65 -23.29 0.74
CA ASP A 359 13.65 -23.34 -0.33
C ASP A 359 12.38 -22.75 0.29
N LEU A 360 11.90 -21.60 -0.25
CA LEU A 360 10.70 -20.92 0.24
C LEU A 360 9.48 -21.83 0.36
N GLU A 361 9.32 -22.75 -0.59
CA GLU A 361 8.22 -23.69 -0.65
C GLU A 361 8.22 -24.71 0.48
N LEU A 362 9.36 -24.90 1.16
CA LEU A 362 9.49 -25.83 2.30
C LEU A 362 9.18 -25.20 3.67
N ILE A 363 8.91 -23.89 3.71
CA ILE A 363 8.53 -23.27 4.99
C ILE A 363 7.01 -23.44 5.16
N THR A 364 6.59 -24.05 6.26
CA THR A 364 5.17 -24.16 6.60
C THR A 364 4.83 -23.09 7.62
N SER A 365 3.90 -22.17 7.30
CA SER A 365 3.45 -21.12 8.23
C SER A 365 1.95 -20.92 8.12
N CYS A 366 1.20 -21.02 9.26
CA CYS A 366 -0.27 -20.90 9.31
C CYS A 366 -0.81 -22.12 8.54
N SER A 367 -0.13 -23.28 8.77
CA SER A 367 -0.35 -24.62 8.19
C SER A 367 -0.22 -24.62 6.65
N SER A 368 0.27 -23.51 6.09
CA SER A 368 0.36 -23.25 4.67
C SER A 368 1.77 -23.13 4.14
N ASN A 369 1.89 -23.11 2.80
CA ASN A 369 3.15 -22.97 2.09
C ASN A 369 2.91 -22.38 0.71
N VAL A 370 3.94 -21.77 0.16
CA VAL A 370 3.95 -21.20 -1.18
C VAL A 370 4.20 -22.37 -2.14
N SER A 371 3.51 -22.36 -3.29
CA SER A 371 3.72 -23.32 -4.36
C SER A 371 3.56 -22.57 -5.68
N VAL A 372 3.79 -23.26 -6.79
CA VAL A 372 3.74 -22.60 -8.10
C VAL A 372 2.92 -23.39 -9.09
N ALA A 373 2.12 -22.68 -9.90
CA ALA A 373 1.35 -23.21 -11.01
C ALA A 373 1.51 -22.23 -12.17
N HIS A 374 0.75 -22.42 -13.26
CA HIS A 374 0.80 -21.57 -14.44
C HIS A 374 -0.57 -21.05 -14.79
N ASP A 375 -0.66 -19.76 -15.19
CA ASP A 375 -1.93 -19.18 -15.64
C ASP A 375 -2.21 -19.56 -17.11
N ALA A 376 -3.34 -19.06 -17.68
CA ALA A 376 -3.73 -19.38 -19.06
C ALA A 376 -2.63 -19.07 -20.10
N SER A 377 -1.85 -17.99 -19.86
CA SER A 377 -0.75 -17.58 -20.73
C SER A 377 0.55 -18.40 -20.55
N GLY A 378 0.59 -19.26 -19.53
CA GLY A 378 1.76 -20.08 -19.22
C GLY A 378 2.75 -19.48 -18.24
N LYS A 379 2.45 -18.26 -17.77
CA LYS A 379 3.27 -17.53 -16.80
C LYS A 379 3.26 -18.25 -15.43
N ARG A 380 4.44 -18.36 -14.78
CA ARG A 380 4.59 -18.92 -13.43
C ARG A 380 3.81 -18.05 -12.44
N VAL A 381 2.99 -18.67 -11.60
CA VAL A 381 2.15 -17.99 -10.61
C VAL A 381 2.33 -18.65 -9.23
N TYR A 382 2.75 -17.86 -8.22
CA TYR A 382 2.89 -18.34 -6.86
C TYR A 382 1.54 -18.19 -6.18
N TYR A 383 1.19 -19.13 -5.32
CA TYR A 383 -0.08 -19.14 -4.59
C TYR A 383 0.10 -19.95 -3.31
N LEU A 384 -0.83 -19.78 -2.35
CA LEU A 384 -0.78 -20.50 -1.07
C LEU A 384 -1.63 -21.75 -1.13
N THR A 385 -1.08 -22.81 -0.60
CA THR A 385 -1.73 -24.10 -0.51
C THR A 385 -1.42 -24.63 0.89
N ARG A 386 -1.88 -25.82 1.18
CA ARG A 386 -1.64 -26.49 2.45
C ARG A 386 -1.91 -27.94 2.20
N ASP A 387 -1.51 -28.78 3.15
CA ASP A 387 -1.82 -30.19 3.15
C ASP A 387 -3.39 -30.26 3.27
N PRO A 388 -4.10 -31.00 2.39
CA PRO A 388 -5.57 -30.97 2.42
C PRO A 388 -6.25 -31.95 3.38
N THR A 389 -5.49 -32.67 4.24
CA THR A 389 -6.02 -33.69 5.15
C THR A 389 -7.12 -33.17 6.09
N THR A 390 -6.84 -32.11 6.87
CA THR A 390 -7.78 -31.48 7.82
C THR A 390 -8.96 -30.84 7.04
N PRO A 391 -8.73 -30.04 5.97
CA PRO A 391 -9.88 -29.55 5.17
C PRO A 391 -10.79 -30.70 4.67
N LEU A 392 -10.21 -31.83 4.25
CA LEU A 392 -11.00 -32.97 3.74
C LEU A 392 -11.71 -33.73 4.86
N ALA A 393 -11.06 -33.90 6.03
CA ALA A 393 -11.70 -34.53 7.20
C ALA A 393 -12.93 -33.69 7.63
N ARG A 394 -12.79 -32.35 7.66
CA ARG A 394 -13.87 -31.40 8.02
C ARG A 394 -14.97 -31.36 6.97
N ALA A 395 -14.61 -31.46 5.67
CA ALA A 395 -15.60 -31.53 4.58
C ALA A 395 -16.46 -32.81 4.73
N ALA A 396 -15.84 -33.94 5.17
CA ALA A 396 -16.57 -35.22 5.38
C ALA A 396 -17.60 -35.06 6.51
N TRP A 397 -17.20 -34.38 7.60
CA TRP A 397 -18.10 -34.14 8.72
C TRP A 397 -19.29 -33.29 8.26
N GLU A 398 -18.97 -32.22 7.51
CA GLU A 398 -19.92 -31.23 6.99
C GLU A 398 -20.83 -31.78 5.94
N THR A 399 -20.44 -32.86 5.28
CA THR A 399 -21.27 -33.57 4.30
C THR A 399 -22.54 -34.17 5.01
N ALA A 400 -22.39 -34.67 6.25
CA ALA A 400 -23.45 -35.36 6.99
C ALA A 400 -24.07 -34.54 8.12
N ARG A 401 -23.41 -33.43 8.53
CA ARG A 401 -23.90 -32.58 9.63
C ARG A 401 -23.75 -31.14 9.34
N HIS A 402 -24.77 -30.36 9.70
CA HIS A 402 -24.70 -28.90 9.66
C HIS A 402 -23.91 -28.50 10.90
N THR A 403 -22.96 -27.60 10.73
CA THR A 403 -22.07 -27.14 11.81
C THR A 403 -22.13 -25.60 11.91
N PRO A 404 -21.80 -24.98 13.07
CA PRO A 404 -21.87 -23.50 13.16
C PRO A 404 -20.99 -22.79 12.14
N VAL A 405 -19.82 -23.37 11.83
CA VAL A 405 -18.87 -22.83 10.85
C VAL A 405 -18.69 -23.85 9.74
N ASN A 406 -18.90 -23.42 8.50
CA ASN A 406 -18.73 -24.24 7.31
C ASN A 406 -17.29 -24.08 6.83
N SER A 407 -16.40 -24.99 7.27
CA SER A 407 -14.97 -24.93 6.91
C SER A 407 -14.74 -25.08 5.44
N TRP A 408 -15.62 -25.85 4.72
CA TRP A 408 -15.47 -26.04 3.27
C TRP A 408 -15.56 -24.70 2.53
N LEU A 409 -16.47 -23.84 2.98
CA LEU A 409 -16.68 -22.54 2.38
C LEU A 409 -15.48 -21.60 2.62
N GLY A 410 -14.98 -21.57 3.85
CA GLY A 410 -13.81 -20.78 4.21
C GLY A 410 -12.59 -21.29 3.44
N ASN A 411 -12.47 -22.62 3.30
CA ASN A 411 -11.39 -23.25 2.54
C ASN A 411 -11.47 -22.94 1.04
N ILE A 412 -12.67 -22.97 0.43
CA ILE A 412 -12.82 -22.59 -0.99
C ILE A 412 -12.39 -21.11 -1.14
N ILE A 413 -12.82 -20.23 -0.22
CA ILE A 413 -12.48 -18.80 -0.29
C ILE A 413 -10.96 -18.57 -0.20
N MET A 414 -10.34 -19.11 0.84
CA MET A 414 -8.92 -18.89 1.12
C MET A 414 -7.97 -19.67 0.22
N TYR A 415 -8.40 -20.88 -0.22
CA TYR A 415 -7.59 -21.75 -1.07
C TYR A 415 -8.18 -21.99 -2.46
N ALA A 416 -9.00 -21.05 -2.97
CA ALA A 416 -9.58 -21.11 -4.33
C ALA A 416 -8.58 -21.48 -5.42
N PRO A 417 -7.32 -20.96 -5.45
CA PRO A 417 -6.38 -21.35 -6.54
C PRO A 417 -5.85 -22.79 -6.49
N THR A 418 -6.02 -23.47 -5.35
CA THR A 418 -5.46 -24.82 -5.17
C THR A 418 -6.15 -25.90 -5.97
N LEU A 419 -5.38 -26.91 -6.33
CA LEU A 419 -5.82 -28.09 -7.08
C LEU A 419 -6.95 -28.81 -6.30
N TRP A 420 -6.75 -29.01 -4.98
CA TRP A 420 -7.68 -29.73 -4.10
C TRP A 420 -8.99 -28.97 -3.80
N ALA A 421 -8.94 -27.63 -3.60
CA ALA A 421 -10.16 -26.86 -3.33
C ALA A 421 -11.05 -26.79 -4.57
N ARG A 422 -10.43 -26.64 -5.75
CA ARG A 422 -11.14 -26.55 -7.02
C ARG A 422 -11.77 -27.87 -7.45
N MET A 423 -10.97 -28.93 -7.46
CA MET A 423 -11.40 -30.24 -7.99
C MET A 423 -12.29 -31.01 -7.06
N ILE A 424 -12.04 -30.90 -5.75
CA ILE A 424 -12.80 -31.67 -4.75
C ILE A 424 -13.84 -30.82 -4.03
N LEU A 425 -13.40 -29.78 -3.29
CA LEU A 425 -14.34 -28.99 -2.48
C LEU A 425 -15.43 -28.30 -3.30
N MET A 426 -15.06 -27.59 -4.37
CA MET A 426 -16.06 -26.92 -5.22
C MET A 426 -17.04 -27.94 -5.83
N THR A 427 -16.51 -29.02 -6.44
CA THR A 427 -17.29 -30.09 -7.07
C THR A 427 -18.29 -30.72 -6.10
N HIS A 428 -17.79 -31.20 -4.95
CA HIS A 428 -18.60 -31.87 -3.95
C HIS A 428 -19.71 -30.98 -3.36
N PHE A 429 -19.33 -29.80 -2.85
CA PHE A 429 -20.32 -28.96 -2.21
C PHE A 429 -21.29 -28.30 -3.19
N PHE A 430 -20.87 -27.95 -4.43
CA PHE A 430 -21.84 -27.42 -5.38
C PHE A 430 -22.85 -28.49 -5.79
N SER A 431 -22.39 -29.75 -5.90
CA SER A 431 -23.27 -30.90 -6.19
C SER A 431 -24.35 -30.99 -5.08
N ILE A 432 -23.93 -30.98 -3.80
CA ILE A 432 -24.83 -31.01 -2.62
C ILE A 432 -25.85 -29.82 -2.67
N LEU A 433 -25.35 -28.58 -2.84
CA LEU A 433 -26.19 -27.38 -2.88
C LEU A 433 -27.22 -27.36 -4.01
N LEU A 434 -26.83 -27.88 -5.19
CA LEU A 434 -27.71 -27.99 -6.36
C LEU A 434 -28.89 -28.91 -6.02
N ALA A 435 -28.58 -30.11 -5.48
CA ALA A 435 -29.58 -31.12 -5.08
C ALA A 435 -30.58 -30.59 -4.01
N GLN A 436 -30.16 -29.67 -3.14
CA GLN A 436 -31.01 -29.12 -2.08
C GLN A 436 -31.57 -27.76 -2.45
N GLU A 437 -31.25 -27.26 -3.65
CA GLU A 437 -31.64 -25.94 -4.13
C GLU A 437 -31.26 -24.86 -3.08
N GLN A 438 -30.02 -24.96 -2.55
CA GLN A 438 -29.54 -24.03 -1.53
C GLN A 438 -28.37 -23.19 -1.99
N LEU A 439 -28.27 -22.93 -3.30
CA LEU A 439 -27.21 -22.09 -3.85
C LEU A 439 -27.25 -20.66 -3.28
N GLU A 440 -28.48 -20.11 -3.05
CA GLU A 440 -28.74 -18.75 -2.55
C GLU A 440 -28.73 -18.63 -1.02
N LYS A 441 -28.72 -19.75 -0.30
CA LYS A 441 -28.74 -19.74 1.15
C LYS A 441 -27.37 -19.28 1.73
N ALA A 442 -27.38 -18.16 2.48
CA ALA A 442 -26.15 -17.64 3.11
C ALA A 442 -25.68 -18.61 4.18
N LEU A 443 -24.37 -18.85 4.23
CA LEU A 443 -23.75 -19.77 5.16
C LEU A 443 -22.64 -19.09 5.93
N ASP A 444 -22.50 -19.47 7.20
CA ASP A 444 -21.46 -18.90 8.03
C ASP A 444 -20.13 -19.56 7.83
N CYS A 445 -19.11 -18.71 7.72
CA CYS A 445 -17.73 -19.17 7.63
C CYS A 445 -16.86 -18.22 8.37
N GLN A 446 -15.59 -18.59 8.53
CA GLN A 446 -14.61 -17.80 9.26
C GLN A 446 -13.42 -17.45 8.40
N ILE A 447 -13.01 -16.17 8.44
CA ILE A 447 -11.83 -15.66 7.73
C ILE A 447 -11.02 -14.90 8.78
N TYR A 448 -9.80 -15.38 9.09
CA TYR A 448 -8.93 -14.84 10.12
C TYR A 448 -9.68 -14.67 11.48
N GLY A 449 -10.49 -15.68 11.83
CA GLY A 449 -11.24 -15.77 13.07
C GLY A 449 -12.54 -15.01 13.13
N ALA A 450 -12.77 -14.09 12.17
CA ALA A 450 -14.01 -13.31 12.11
C ALA A 450 -15.06 -14.11 11.35
N CYS A 451 -16.33 -13.96 11.75
N CYS A 451 -16.33 -13.99 11.77
CA CYS A 451 -17.46 -14.65 11.14
CA CYS A 451 -17.47 -14.69 11.16
C CYS A 451 -18.11 -13.86 10.02
C CYS A 451 -18.10 -13.87 10.03
N TYR A 452 -18.39 -14.53 8.90
CA TYR A 452 -19.02 -13.92 7.73
C TYR A 452 -20.18 -14.81 7.31
N SER A 453 -21.24 -14.20 6.76
CA SER A 453 -22.40 -14.93 6.25
C SER A 453 -22.29 -14.74 4.74
N ILE A 454 -22.10 -15.84 4.00
CA ILE A 454 -21.82 -15.75 2.56
C ILE A 454 -22.67 -16.70 1.76
N GLU A 455 -23.19 -16.21 0.64
CA GLU A 455 -23.97 -17.03 -0.27
C GLU A 455 -23.01 -17.70 -1.23
N PRO A 456 -23.06 -19.04 -1.35
CA PRO A 456 -22.20 -19.75 -2.31
C PRO A 456 -22.25 -19.22 -3.74
N LEU A 457 -23.40 -18.67 -4.15
CA LEU A 457 -23.56 -18.06 -5.47
C LEU A 457 -22.62 -16.88 -5.70
N ASP A 458 -22.13 -16.22 -4.62
CA ASP A 458 -21.22 -15.08 -4.71
C ASP A 458 -19.74 -15.47 -4.79
N LEU A 459 -19.43 -16.78 -4.74
CA LEU A 459 -18.05 -17.27 -4.78
C LEU A 459 -17.23 -16.79 -6.01
N PRO A 460 -17.73 -16.76 -7.28
CA PRO A 460 -16.87 -16.31 -8.39
C PRO A 460 -16.34 -14.88 -8.21
N GLN A 461 -17.20 -13.95 -7.78
CA GLN A 461 -16.86 -12.55 -7.53
C GLN A 461 -15.88 -12.40 -6.35
N ILE A 462 -16.12 -13.17 -5.25
CA ILE A 462 -15.25 -13.15 -4.08
C ILE A 462 -13.86 -13.62 -4.48
N ILE A 463 -13.80 -14.77 -5.16
CA ILE A 463 -12.53 -15.36 -5.60
C ILE A 463 -11.76 -14.41 -6.54
N GLU A 464 -12.48 -13.76 -7.50
CA GLU A 464 -11.86 -12.84 -8.44
C GLU A 464 -11.23 -11.68 -7.66
N ARG A 465 -11.97 -11.09 -6.72
CA ARG A 465 -11.46 -9.98 -5.91
C ARG A 465 -10.25 -10.35 -5.06
N LEU A 466 -10.24 -11.53 -4.42
CA LEU A 466 -9.11 -11.91 -3.57
C LEU A 466 -7.91 -12.42 -4.35
N HIS A 467 -8.14 -13.34 -5.30
CA HIS A 467 -7.06 -14.02 -5.99
C HIS A 467 -6.80 -13.56 -7.42
N GLY A 468 -7.78 -12.90 -8.04
CA GLY A 468 -7.70 -12.50 -9.43
C GLY A 468 -8.29 -13.57 -10.34
N LEU A 469 -8.54 -13.24 -11.63
CA LEU A 469 -9.09 -14.19 -12.60
C LEU A 469 -8.24 -15.43 -12.80
N SER A 470 -6.91 -15.36 -12.55
CA SER A 470 -5.99 -16.50 -12.69
C SER A 470 -6.37 -17.70 -11.81
N ALA A 471 -7.11 -17.48 -10.71
CA ALA A 471 -7.56 -18.55 -9.81
C ALA A 471 -8.47 -19.57 -10.55
N PHE A 472 -9.09 -19.11 -11.65
CA PHE A 472 -9.97 -19.90 -12.51
C PHE A 472 -9.23 -20.53 -13.70
N SER A 473 -7.91 -20.24 -13.85
CA SER A 473 -7.09 -20.70 -15.00
C SER A 473 -5.83 -21.47 -14.59
N LEU A 474 -5.52 -21.56 -13.29
CA LEU A 474 -4.30 -22.26 -12.89
C LEU A 474 -4.25 -23.69 -13.38
N HIS A 475 -3.08 -24.08 -13.89
CA HIS A 475 -2.78 -25.41 -14.42
C HIS A 475 -1.28 -25.70 -14.25
N SER A 476 -0.84 -26.94 -14.60
CA SER A 476 0.54 -27.41 -14.44
C SER A 476 1.02 -27.11 -13.03
N TYR A 477 0.34 -27.74 -12.06
CA TYR A 477 0.68 -27.64 -10.66
C TYR A 477 2.01 -28.37 -10.50
N SER A 478 2.71 -28.11 -9.41
CA SER A 478 4.01 -28.71 -9.19
C SER A 478 3.91 -30.22 -8.85
N PRO A 479 4.92 -31.04 -9.25
CA PRO A 479 4.89 -32.48 -8.90
C PRO A 479 4.74 -32.71 -7.40
N GLY A 480 5.40 -31.90 -6.59
CA GLY A 480 5.34 -31.98 -5.13
C GLY A 480 3.92 -31.79 -4.58
N GLU A 481 3.19 -30.82 -5.16
CA GLU A 481 1.82 -30.48 -4.78
C GLU A 481 0.85 -31.59 -5.21
N ILE A 482 0.89 -32.00 -6.51
CA ILE A 482 0.08 -33.09 -7.06
C ILE A 482 0.29 -34.36 -6.21
N ASN A 483 1.56 -34.70 -5.92
CA ASN A 483 1.88 -35.89 -5.13
C ASN A 483 1.31 -35.83 -3.70
N ARG A 484 1.36 -34.65 -3.05
CA ARG A 484 0.81 -34.51 -1.69
C ARG A 484 -0.71 -34.70 -1.72
N VAL A 485 -1.39 -34.11 -2.71
CA VAL A 485 -2.84 -34.24 -2.88
C VAL A 485 -3.20 -35.73 -3.15
N ALA A 486 -2.59 -36.35 -4.18
CA ALA A 486 -2.85 -37.76 -4.51
C ALA A 486 -2.64 -38.70 -3.32
N SER A 487 -1.56 -38.46 -2.51
CA SER A 487 -1.24 -39.25 -1.32
C SER A 487 -2.32 -39.08 -0.23
N CYS A 488 -2.77 -37.84 -0.01
CA CYS A 488 -3.83 -37.52 0.94
C CYS A 488 -5.15 -38.28 0.55
N LEU A 489 -5.48 -38.29 -0.75
CA LEU A 489 -6.68 -38.97 -1.25
C LEU A 489 -6.63 -40.49 -1.00
N ARG A 490 -5.47 -41.15 -1.25
CA ARG A 490 -5.33 -42.59 -1.04
C ARG A 490 -5.44 -42.96 0.46
N LYS A 491 -4.83 -42.15 1.32
CA LYS A 491 -4.84 -42.27 2.79
C LYS A 491 -6.26 -42.14 3.39
N LEU A 492 -7.07 -41.22 2.88
CA LEU A 492 -8.40 -40.94 3.40
C LEU A 492 -9.49 -41.74 2.72
N GLY A 493 -9.16 -42.37 1.60
CA GLY A 493 -10.11 -43.14 0.80
C GLY A 493 -11.02 -42.21 0.02
N VAL A 494 -10.44 -41.09 -0.44
CA VAL A 494 -11.13 -40.10 -1.26
C VAL A 494 -10.97 -40.51 -2.74
N PRO A 495 -12.03 -40.48 -3.58
CA PRO A 495 -11.85 -40.86 -5.00
C PRO A 495 -10.72 -40.08 -5.69
N PRO A 496 -9.98 -40.71 -6.64
CA PRO A 496 -8.87 -39.99 -7.30
C PRO A 496 -9.35 -38.77 -8.11
N LEU A 497 -8.44 -37.81 -8.37
CA LEU A 497 -8.72 -36.58 -9.11
C LEU A 497 -9.47 -36.76 -10.42
N ARG A 498 -9.24 -37.89 -11.14
CA ARG A 498 -9.93 -38.20 -12.41
C ARG A 498 -11.44 -38.37 -12.20
N VAL A 499 -11.87 -38.87 -11.03
CA VAL A 499 -13.29 -39.04 -10.72
C VAL A 499 -13.91 -37.64 -10.54
N TRP A 500 -13.19 -36.76 -9.82
CA TRP A 500 -13.60 -35.38 -9.55
C TRP A 500 -13.77 -34.58 -10.82
N ARG A 501 -12.86 -34.75 -11.81
CA ARG A 501 -12.99 -34.09 -13.11
C ARG A 501 -14.33 -34.49 -13.80
N HIS A 502 -14.65 -35.80 -13.78
CA HIS A 502 -15.86 -36.36 -14.37
C HIS A 502 -17.10 -35.77 -13.68
N ARG A 503 -17.08 -35.75 -12.35
CA ARG A 503 -18.18 -35.20 -11.56
C ARG A 503 -18.37 -33.71 -11.82
N ALA A 504 -17.24 -32.96 -11.95
CA ALA A 504 -17.25 -31.51 -12.18
C ALA A 504 -17.90 -31.12 -13.49
N ARG A 505 -17.73 -31.95 -14.54
CA ARG A 505 -18.37 -31.73 -15.85
C ARG A 505 -19.90 -31.77 -15.69
N SER A 506 -20.42 -32.71 -14.87
CA SER A 506 -21.84 -32.84 -14.55
C SER A 506 -22.31 -31.63 -13.72
N VAL A 507 -21.59 -31.32 -12.62
CA VAL A 507 -21.90 -30.16 -11.77
C VAL A 507 -21.92 -28.86 -12.60
N ARG A 508 -20.92 -28.67 -13.48
CA ARG A 508 -20.83 -27.51 -14.37
C ARG A 508 -22.08 -27.41 -15.26
N ALA A 509 -22.44 -28.51 -15.95
CA ALA A 509 -23.63 -28.56 -16.82
C ALA A 509 -24.90 -28.25 -16.02
N ARG A 510 -25.06 -28.87 -14.82
CA ARG A 510 -26.21 -28.62 -13.95
C ARG A 510 -26.29 -27.13 -13.56
N LEU A 511 -25.13 -26.50 -13.22
CA LEU A 511 -25.12 -25.07 -12.88
C LEU A 511 -25.50 -24.18 -14.07
N LEU A 512 -24.90 -24.44 -15.26
CA LEU A 512 -25.18 -23.67 -16.48
C LEU A 512 -26.66 -23.74 -16.88
N SER A 513 -27.30 -24.92 -16.67
CA SER A 513 -28.74 -25.17 -16.93
C SER A 513 -29.66 -24.27 -16.10
N GLN A 514 -29.21 -23.83 -14.91
CA GLN A 514 -29.97 -22.96 -13.99
C GLN A 514 -29.95 -21.48 -14.42
N GLY A 515 -28.96 -21.09 -15.21
CA GLY A 515 -28.78 -19.72 -15.67
C GLY A 515 -28.39 -18.78 -14.54
N GLY A 516 -28.38 -17.48 -14.83
CA GLY A 516 -28.04 -16.43 -13.88
C GLY A 516 -26.76 -16.64 -13.11
N ARG A 517 -26.78 -16.34 -11.78
CA ARG A 517 -25.62 -16.48 -10.88
C ARG A 517 -25.09 -17.91 -10.80
N ALA A 518 -25.98 -18.93 -10.87
CA ALA A 518 -25.56 -20.33 -10.87
C ALA A 518 -24.71 -20.65 -12.11
N ALA A 519 -25.09 -20.08 -13.29
CA ALA A 519 -24.35 -20.29 -14.55
C ALA A 519 -22.96 -19.67 -14.46
N THR A 520 -22.83 -18.50 -13.79
CA THR A 520 -21.55 -17.83 -13.55
C THR A 520 -20.65 -18.76 -12.71
N CYS A 521 -21.25 -19.44 -11.70
CA CYS A 521 -20.51 -20.44 -10.89
C CYS A 521 -20.02 -21.57 -11.78
N GLY A 522 -20.87 -22.07 -12.68
CA GLY A 522 -20.50 -23.14 -13.61
C GLY A 522 -19.37 -22.71 -14.52
N LYS A 523 -19.52 -21.52 -15.11
CA LYS A 523 -18.56 -20.94 -16.04
C LYS A 523 -17.17 -20.72 -15.43
N TYR A 524 -17.11 -19.99 -14.31
CA TYR A 524 -15.85 -19.59 -13.68
C TYR A 524 -15.21 -20.65 -12.82
N LEU A 525 -15.97 -21.25 -11.89
CA LEU A 525 -15.42 -22.26 -10.97
C LEU A 525 -15.03 -23.57 -11.62
N PHE A 526 -15.72 -23.95 -12.71
CA PHE A 526 -15.50 -25.26 -13.32
C PHE A 526 -14.96 -25.24 -14.75
N ASN A 527 -14.39 -24.11 -15.19
CA ASN A 527 -13.76 -24.01 -16.53
C ASN A 527 -12.58 -24.99 -16.68
N TRP A 528 -11.93 -25.37 -15.56
CA TRP A 528 -10.82 -26.33 -15.55
C TRP A 528 -11.26 -27.72 -15.99
N ALA A 529 -12.56 -28.02 -15.87
CA ALA A 529 -13.11 -29.35 -16.11
C ALA A 529 -13.45 -29.65 -17.56
N VAL A 530 -13.62 -28.62 -18.40
CA VAL A 530 -13.97 -28.82 -19.80
C VAL A 530 -12.74 -28.72 -20.73
N LYS A 531 -12.69 -29.57 -21.78
CA LYS A 531 -11.57 -29.60 -22.73
C LYS A 531 -11.50 -28.30 -23.52
N THR A 532 -12.63 -27.87 -24.07
CA THR A 532 -12.75 -26.62 -24.80
C THR A 532 -13.09 -25.56 -23.75
N LYS A 533 -12.09 -24.82 -23.29
CA LYS A 533 -12.25 -23.79 -22.26
C LYS A 533 -12.97 -22.54 -22.77
N LEU A 534 -13.77 -21.90 -21.88
CA LEU A 534 -14.49 -20.66 -22.18
C LEU A 534 -13.56 -19.49 -21.83
N LYS A 535 -13.69 -18.33 -22.53
CA LYS A 535 -12.88 -17.14 -22.27
C LYS A 535 -13.43 -16.46 -21.02
N LEU A 536 -12.58 -16.37 -19.98
CA LEU A 536 -13.00 -15.79 -18.71
C LEU A 536 -12.63 -14.33 -18.62
N THR A 537 -13.65 -13.48 -18.54
CA THR A 537 -13.56 -12.02 -18.47
C THR A 537 -13.94 -11.51 -17.07
N PRO A 538 -13.53 -10.29 -16.65
CA PRO A 538 -13.92 -9.79 -15.32
C PRO A 538 -15.41 -9.79 -15.10
N ILE A 539 -15.85 -10.31 -13.93
CA ILE A 539 -17.27 -10.38 -13.58
C ILE A 539 -17.71 -8.98 -13.16
N PRO A 540 -18.71 -8.40 -13.86
CA PRO A 540 -19.18 -7.03 -13.48
C PRO A 540 -19.53 -6.86 -12.00
N ALA A 541 -20.24 -7.84 -11.41
CA ALA A 541 -20.67 -7.85 -10.00
C ALA A 541 -19.52 -7.80 -8.97
N ALA A 542 -18.31 -8.30 -9.33
CA ALA A 542 -17.13 -8.33 -8.44
C ALA A 542 -16.65 -6.94 -8.02
N SER A 543 -16.77 -5.94 -8.90
CA SER A 543 -16.37 -4.56 -8.63
C SER A 543 -17.22 -3.86 -7.56
N ARG A 544 -18.49 -4.31 -7.40
CA ARG A 544 -19.44 -3.74 -6.45
C ARG A 544 -19.28 -4.28 -5.01
N LEU A 545 -18.56 -5.40 -4.84
CA LEU A 545 -18.33 -6.06 -3.56
C LEU A 545 -17.68 -5.18 -2.49
N ASP A 546 -18.30 -5.13 -1.29
CA ASP A 546 -17.75 -4.42 -0.15
C ASP A 546 -16.93 -5.47 0.61
N LEU A 547 -15.60 -5.43 0.44
CA LEU A 547 -14.67 -6.38 1.05
C LEU A 547 -13.64 -5.67 1.94
N SER A 548 -13.98 -4.44 2.38
CA SER A 548 -13.15 -3.52 3.17
C SER A 548 -12.50 -4.09 4.46
N GLY A 549 -13.29 -4.75 5.30
CA GLY A 549 -12.79 -5.30 6.57
C GLY A 549 -12.39 -6.77 6.57
N TRP A 550 -12.19 -7.35 5.38
CA TRP A 550 -11.85 -8.76 5.21
C TRP A 550 -10.46 -9.13 5.67
N PHE A 551 -9.47 -8.37 5.20
CA PHE A 551 -8.08 -8.62 5.56
C PHE A 551 -7.49 -7.34 6.17
N VAL A 552 -7.92 -7.05 7.39
CA VAL A 552 -7.47 -5.91 8.18
C VAL A 552 -6.78 -6.45 9.41
N ALA A 553 -7.48 -7.31 10.17
CA ALA A 553 -6.93 -7.85 11.41
C ALA A 553 -7.43 -9.28 11.68
N GLY A 554 -6.78 -9.95 12.63
CA GLY A 554 -7.20 -11.28 13.07
C GLY A 554 -8.08 -11.11 14.29
N TYR A 555 -9.09 -11.98 14.44
CA TYR A 555 -10.04 -11.91 15.55
C TYR A 555 -10.37 -13.29 16.12
N SER A 556 -9.42 -14.27 16.05
N SER A 556 -9.42 -14.25 16.04
CA SER A 556 -9.65 -15.62 16.56
CA SER A 556 -9.67 -15.61 16.55
C SER A 556 -10.03 -15.57 18.03
C SER A 556 -10.02 -15.58 18.03
N GLY A 557 -11.16 -16.18 18.37
CA GLY A 557 -11.69 -16.18 19.74
C GLY A 557 -12.33 -14.86 20.15
N GLY A 558 -12.26 -13.85 19.27
CA GLY A 558 -12.70 -12.49 19.52
C GLY A 558 -14.17 -12.19 19.38
N ASP A 559 -15.00 -13.19 18.99
CA ASP A 559 -16.46 -13.03 18.88
C ASP A 559 -16.88 -11.89 17.89
N ILE A 560 -16.25 -11.84 16.71
CA ILE A 560 -16.52 -10.81 15.71
C ILE A 560 -17.32 -11.35 14.53
N TYR A 561 -18.34 -10.58 14.10
CA TYR A 561 -19.19 -10.87 12.97
C TYR A 561 -19.15 -9.70 11.99
N HIS A 562 -18.89 -9.99 10.68
CA HIS A 562 -18.78 -8.97 9.62
C HIS A 562 -19.75 -9.22 8.48
N HIS B 1 -10.66 14.13 -35.53
CA HIS B 1 -9.34 14.14 -34.90
C HIS B 1 -9.49 14.19 -33.36
N MET B 2 -10.20 13.21 -32.80
CA MET B 2 -10.48 13.11 -31.37
C MET B 2 -9.25 12.68 -30.58
N SER B 3 -9.01 13.31 -29.42
CA SER B 3 -7.89 12.93 -28.54
C SER B 3 -8.00 11.47 -28.08
N TYR B 4 -9.23 10.99 -27.84
CA TYR B 4 -9.54 9.63 -27.39
C TYR B 4 -10.85 9.14 -27.96
N THR B 5 -11.00 7.81 -28.01
CA THR B 5 -12.25 7.11 -28.32
C THR B 5 -12.38 6.15 -27.17
N TRP B 6 -13.61 5.84 -26.75
CA TRP B 6 -13.86 5.00 -25.57
C TRP B 6 -14.80 3.84 -25.89
N THR B 7 -14.58 2.67 -25.26
CA THR B 7 -15.45 1.50 -25.48
C THR B 7 -16.65 1.49 -24.51
N GLY B 8 -16.47 2.07 -23.34
CA GLY B 8 -17.49 2.03 -22.32
C GLY B 8 -17.01 1.26 -21.10
N ALA B 9 -15.91 0.46 -21.24
CA ALA B 9 -15.30 -0.26 -20.10
C ALA B 9 -14.72 0.81 -19.15
N LEU B 10 -14.88 0.57 -17.87
CA LEU B 10 -14.45 1.44 -16.79
C LEU B 10 -12.94 1.44 -16.60
N ILE B 11 -12.43 2.56 -16.08
CA ILE B 11 -11.04 2.69 -15.66
C ILE B 11 -11.11 2.16 -14.23
N THR B 12 -10.46 1.02 -14.01
CA THR B 12 -10.53 0.31 -12.76
C THR B 12 -9.31 0.49 -11.84
N PRO B 13 -9.53 0.44 -10.50
CA PRO B 13 -8.38 0.51 -9.59
C PRO B 13 -7.57 -0.80 -9.52
N CYS B 14 -6.37 -0.74 -8.94
CA CYS B 14 -5.45 -1.88 -8.74
C CYS B 14 -5.60 -2.46 -7.36
N ALA B 15 -6.00 -1.62 -6.41
CA ALA B 15 -6.18 -1.95 -5.01
C ALA B 15 -7.24 -1.02 -4.43
N ALA B 16 -7.46 -1.13 -3.11
CA ALA B 16 -8.39 -0.30 -2.36
C ALA B 16 -7.97 1.17 -2.47
N GLU B 17 -8.94 2.05 -2.70
CA GLU B 17 -8.69 3.47 -2.84
C GLU B 17 -9.34 4.19 -1.68
N GLU B 18 -8.62 5.10 -1.03
CA GLU B 18 -9.15 5.92 0.05
C GLU B 18 -9.32 7.34 -0.50
N SER B 19 -10.45 7.97 -0.23
CA SER B 19 -10.69 9.34 -0.66
C SER B 19 -10.67 10.27 0.56
N LYS B 20 -11.12 9.80 1.73
CA LYS B 20 -11.18 10.59 2.96
C LYS B 20 -9.82 10.63 3.65
N LEU B 21 -9.43 11.80 4.17
CA LEU B 21 -8.16 11.96 4.90
C LEU B 21 -8.04 10.97 6.10
N PRO B 22 -7.06 10.04 6.07
CA PRO B 22 -6.88 9.12 7.21
C PRO B 22 -6.42 9.92 8.43
N ILE B 23 -6.92 9.58 9.60
CA ILE B 23 -6.62 10.28 10.84
C ILE B 23 -5.86 9.39 11.82
N ASN B 24 -4.83 9.94 12.46
CA ASN B 24 -4.10 9.23 13.51
C ASN B 24 -3.87 10.19 14.69
N ALA B 25 -3.04 9.80 15.68
CA ALA B 25 -2.76 10.64 16.86
C ALA B 25 -1.97 11.93 16.52
N LEU B 26 -1.33 11.99 15.33
CA LEU B 26 -0.51 13.14 14.92
C LEU B 26 -1.24 14.18 14.07
N SER B 27 -2.38 13.79 13.46
CA SER B 27 -3.16 14.60 12.51
C SER B 27 -3.53 16.01 12.97
N ASN B 28 -4.15 16.12 14.16
CA ASN B 28 -4.64 17.38 14.73
C ASN B 28 -3.57 18.40 15.05
N SER B 29 -2.34 17.96 15.35
CA SER B 29 -1.23 18.87 15.59
C SER B 29 -0.88 19.62 14.30
N LEU B 30 -1.19 19.02 13.12
CA LEU B 30 -0.96 19.70 11.83
C LEU B 30 -2.21 20.40 11.25
N LEU B 31 -3.34 19.72 11.16
CA LEU B 31 -4.53 20.20 10.45
C LEU B 31 -5.82 19.74 11.13
N ARG B 32 -6.73 20.68 11.43
CA ARG B 32 -8.01 20.35 12.07
C ARG B 32 -9.17 20.20 11.11
N HIS B 33 -9.15 20.89 9.95
CA HIS B 33 -10.27 20.83 8.99
C HIS B 33 -10.15 19.64 8.04
N HIS B 34 -10.28 18.43 8.59
CA HIS B 34 -10.11 17.14 7.92
C HIS B 34 -10.95 16.95 6.63
N ASN B 35 -12.20 17.44 6.63
CA ASN B 35 -13.15 17.35 5.51
C ASN B 35 -12.74 18.15 4.25
N MET B 36 -11.77 19.08 4.42
N MET B 36 -11.78 19.03 4.41
CA MET B 36 -11.22 19.92 3.35
CA MET B 36 -11.28 19.86 3.31
C MET B 36 -10.21 19.12 2.50
C MET B 36 -10.21 19.12 2.50
N VAL B 37 -9.64 18.04 3.06
CA VAL B 37 -8.61 17.22 2.41
C VAL B 37 -9.21 15.95 1.84
N TYR B 38 -8.88 15.65 0.58
CA TYR B 38 -9.37 14.45 -0.07
C TYR B 38 -8.33 13.91 -1.04
N ALA B 39 -8.51 12.66 -1.48
CA ALA B 39 -7.69 12.04 -2.52
C ALA B 39 -8.60 11.71 -3.70
N THR B 40 -8.10 11.87 -4.92
CA THR B 40 -8.87 11.52 -6.12
C THR B 40 -8.84 9.99 -6.21
N THR B 41 -9.90 9.38 -6.77
CA THR B 41 -9.99 7.91 -6.94
C THR B 41 -10.53 7.61 -8.36
N SER B 42 -10.51 6.33 -8.76
CA SER B 42 -11.07 5.89 -10.05
C SER B 42 -12.59 6.20 -10.19
N ARG B 43 -13.29 6.47 -9.07
CA ARG B 43 -14.73 6.78 -9.07
C ARG B 43 -15.07 8.03 -9.90
N SER B 44 -14.12 8.94 -10.05
CA SER B 44 -14.30 10.17 -10.83
C SER B 44 -13.67 10.09 -12.25
N ALA B 45 -13.10 8.91 -12.65
CA ALA B 45 -12.45 8.73 -13.96
C ALA B 45 -13.31 9.10 -15.16
N GLY B 46 -14.61 8.76 -15.09
CA GLY B 46 -15.59 9.09 -16.12
C GLY B 46 -15.69 10.58 -16.37
N LEU B 47 -15.64 11.41 -15.31
CA LEU B 47 -15.66 12.88 -15.47
C LEU B 47 -14.36 13.35 -16.15
N ARG B 48 -13.20 12.76 -15.79
CA ARG B 48 -11.93 13.11 -16.43
C ARG B 48 -11.95 12.75 -17.90
N GLN B 49 -12.47 11.55 -18.23
CA GLN B 49 -12.61 11.07 -19.60
C GLN B 49 -13.34 12.10 -20.44
N LYS B 50 -14.43 12.68 -19.91
CA LYS B 50 -15.20 13.73 -20.59
C LYS B 50 -14.36 14.96 -20.87
N LYS B 51 -13.61 15.45 -19.86
CA LYS B 51 -12.76 16.64 -19.97
C LYS B 51 -11.61 16.51 -20.98
N VAL B 52 -10.96 15.34 -21.02
CA VAL B 52 -9.80 15.11 -21.89
C VAL B 52 -10.17 14.74 -23.34
N THR B 53 -11.46 14.46 -23.61
CA THR B 53 -11.94 14.02 -24.92
C THR B 53 -12.50 15.16 -25.73
N PHE B 54 -11.77 15.55 -26.81
CA PHE B 54 -12.19 16.61 -27.73
C PHE B 54 -11.50 16.50 -29.07
N ASP B 55 -12.04 17.21 -30.05
CA ASP B 55 -11.52 17.27 -31.40
C ASP B 55 -10.41 18.30 -31.44
N ARG B 56 -9.28 17.97 -32.10
CA ARG B 56 -8.18 18.92 -32.27
C ARG B 56 -8.09 19.35 -33.72
N LEU B 57 -8.01 20.66 -33.94
CA LEU B 57 -7.84 21.25 -35.26
C LEU B 57 -6.54 22.01 -35.21
N GLN B 58 -5.75 21.89 -36.27
CA GLN B 58 -4.46 22.54 -36.33
C GLN B 58 -4.23 23.23 -37.65
N VAL B 59 -3.79 24.48 -37.59
CA VAL B 59 -3.55 25.31 -38.75
C VAL B 59 -2.11 25.79 -38.56
N LEU B 60 -1.20 25.28 -39.41
CA LEU B 60 0.22 25.56 -39.25
C LEU B 60 0.73 26.56 -40.28
N ASP B 61 1.24 27.69 -39.79
CA ASP B 61 1.69 28.77 -40.66
C ASP B 61 3.21 28.87 -40.80
N ASP B 62 3.69 29.93 -41.47
CA ASP B 62 5.12 30.15 -41.71
C ASP B 62 5.92 30.37 -40.44
N HIS B 63 5.36 31.06 -39.44
CA HIS B 63 6.03 31.27 -38.14
C HIS B 63 6.35 29.93 -37.47
N TYR B 64 5.42 28.98 -37.54
CA TYR B 64 5.56 27.64 -36.96
C TYR B 64 6.74 26.91 -37.65
N ARG B 65 6.72 26.84 -38.99
CA ARG B 65 7.77 26.16 -39.78
C ARG B 65 9.14 26.84 -39.66
N ASP B 66 9.17 28.18 -39.54
CA ASP B 66 10.41 28.94 -39.34
C ASP B 66 11.06 28.60 -38.00
N VAL B 67 10.28 28.57 -36.91
CA VAL B 67 10.80 28.23 -35.58
C VAL B 67 11.26 26.75 -35.61
N LEU B 68 10.44 25.85 -36.21
CA LEU B 68 10.77 24.44 -36.28
C LEU B 68 12.11 24.24 -37.03
N LYS B 69 12.33 25.00 -38.11
CA LYS B 69 13.57 24.88 -38.88
C LYS B 69 14.77 25.27 -38.03
N GLU B 70 14.64 26.32 -37.21
CA GLU B 70 15.70 26.77 -36.29
C GLU B 70 15.97 25.72 -35.21
N MET B 71 14.91 25.14 -34.66
CA MET B 71 15.02 24.12 -33.62
C MET B 71 15.78 22.88 -34.13
N LYS B 72 15.45 22.45 -35.36
CA LYS B 72 16.09 21.33 -36.04
C LYS B 72 17.58 21.60 -36.31
N ALA B 73 17.94 22.87 -36.67
CA ALA B 73 19.36 23.27 -36.89
C ALA B 73 20.16 23.07 -35.61
N LYS B 74 19.57 23.43 -34.43
CA LYS B 74 20.25 23.24 -33.13
C LYS B 74 20.29 21.75 -32.75
N ALA B 75 19.18 21.02 -32.99
CA ALA B 75 19.06 19.58 -32.73
C ALA B 75 20.12 18.77 -33.50
N SER B 76 20.50 19.25 -34.71
N SER B 76 20.50 19.25 -34.71
CA SER B 76 21.50 18.59 -35.55
CA SER B 76 21.51 18.60 -35.56
C SER B 76 22.91 18.63 -34.92
C SER B 76 22.91 18.65 -34.94
N THR B 77 23.14 19.51 -33.91
CA THR B 77 24.47 19.58 -33.23
C THR B 77 24.56 18.53 -32.08
N VAL B 78 23.44 17.88 -31.76
CA VAL B 78 23.40 16.91 -30.67
C VAL B 78 23.89 15.54 -31.10
N LYS B 79 24.77 14.93 -30.30
CA LYS B 79 25.20 13.56 -30.50
C LYS B 79 24.66 12.75 -29.31
N ALA B 80 23.86 11.72 -29.57
CA ALA B 80 23.32 10.91 -28.48
C ALA B 80 23.66 9.46 -28.62
N LYS B 81 23.81 8.80 -27.48
CA LYS B 81 24.18 7.39 -27.41
C LYS B 81 23.05 6.50 -26.93
N LEU B 82 23.11 5.23 -27.35
CA LEU B 82 22.22 4.20 -26.88
C LEU B 82 22.73 3.85 -25.50
N LEU B 83 21.81 3.62 -24.55
CA LEU B 83 22.19 3.14 -23.23
C LEU B 83 22.20 1.62 -23.36
N SER B 84 23.07 0.94 -22.62
CA SER B 84 23.08 -0.52 -22.61
C SER B 84 21.89 -0.99 -21.77
N VAL B 85 21.56 -2.30 -21.86
CA VAL B 85 20.48 -2.87 -21.04
C VAL B 85 20.76 -2.59 -19.55
N GLU B 86 22.00 -2.84 -19.09
CA GLU B 86 22.44 -2.59 -17.70
C GLU B 86 22.17 -1.14 -17.26
N GLU B 87 22.62 -0.15 -18.05
CA GLU B 87 22.43 1.28 -17.72
C GLU B 87 20.97 1.67 -17.60
N ALA B 88 20.15 1.21 -18.56
CA ALA B 88 18.71 1.45 -18.56
C ALA B 88 18.04 0.78 -17.37
N CYS B 89 18.44 -0.45 -17.01
CA CYS B 89 17.96 -1.22 -15.84
C CYS B 89 18.21 -0.45 -14.52
N LYS B 90 19.40 0.16 -14.39
CA LYS B 90 19.77 0.89 -13.16
C LYS B 90 18.98 2.21 -12.97
N LEU B 91 18.36 2.69 -14.05
CA LEU B 91 17.53 3.89 -14.04
C LEU B 91 16.08 3.57 -13.66
N THR B 92 15.76 2.30 -13.47
CA THR B 92 14.39 1.87 -13.15
C THR B 92 14.09 2.01 -11.66
N PRO B 93 13.00 2.72 -11.27
CA PRO B 93 12.65 2.79 -9.84
C PRO B 93 12.42 1.42 -9.19
N PRO B 94 12.95 1.16 -7.97
CA PRO B 94 12.70 -0.14 -7.31
C PRO B 94 11.23 -0.56 -7.15
N HIS B 95 10.30 0.42 -7.11
CA HIS B 95 8.87 0.13 -6.98
C HIS B 95 8.06 0.46 -8.26
N SER B 96 8.75 0.51 -9.42
CA SER B 96 8.14 0.71 -10.72
C SER B 96 7.19 -0.49 -10.99
N ALA B 97 6.04 -0.24 -11.66
CA ALA B 97 5.01 -1.26 -11.93
C ALA B 97 5.63 -2.49 -12.62
N LYS B 98 5.36 -3.69 -12.08
CA LYS B 98 5.90 -4.95 -12.61
C LYS B 98 5.43 -5.23 -14.05
N SER B 99 6.22 -5.98 -14.78
CA SER B 99 5.83 -6.37 -16.14
C SER B 99 4.68 -7.43 -16.08
N LYS B 100 3.86 -7.51 -17.13
CA LYS B 100 2.81 -8.51 -17.31
C LYS B 100 3.45 -9.85 -17.68
N PHE B 101 4.76 -9.84 -18.01
CA PHE B 101 5.46 -11.00 -18.52
C PHE B 101 6.41 -11.70 -17.51
N GLY B 102 5.98 -11.76 -16.26
CA GLY B 102 6.64 -12.54 -15.22
C GLY B 102 7.86 -12.03 -14.50
N TYR B 103 8.06 -10.72 -14.46
CA TYR B 103 9.20 -10.14 -13.73
C TYR B 103 8.82 -8.74 -13.29
N GLY B 104 9.53 -8.23 -12.28
CA GLY B 104 9.28 -6.91 -11.74
C GLY B 104 10.46 -5.97 -11.79
N ALA B 105 10.27 -4.78 -11.17
CA ALA B 105 11.29 -3.73 -11.13
C ALA B 105 12.59 -4.17 -10.46
N LYS B 106 12.51 -4.98 -9.38
CA LYS B 106 13.71 -5.50 -8.70
C LYS B 106 14.47 -6.53 -9.53
N ASP B 107 13.75 -7.32 -10.37
CA ASP B 107 14.35 -8.28 -11.29
C ASP B 107 15.16 -7.54 -12.36
N VAL B 108 14.61 -6.40 -12.85
CA VAL B 108 15.23 -5.50 -13.84
C VAL B 108 16.51 -4.92 -13.22
N ARG B 109 16.39 -4.29 -12.01
CA ARG B 109 17.50 -3.67 -11.28
C ARG B 109 18.61 -4.67 -10.95
N ASN B 110 18.27 -5.95 -10.70
CA ASN B 110 19.23 -7.03 -10.42
C ASN B 110 19.80 -7.69 -11.66
N LEU B 111 19.32 -7.27 -12.88
CA LEU B 111 19.77 -7.83 -14.15
C LEU B 111 19.48 -9.33 -14.23
N SER B 112 18.30 -9.73 -13.72
CA SER B 112 17.87 -11.12 -13.75
C SER B 112 17.78 -11.58 -15.20
N SER B 113 18.17 -12.83 -15.47
CA SER B 113 18.19 -13.41 -16.81
C SER B 113 16.82 -13.30 -17.47
N LYS B 114 15.76 -13.52 -16.68
CA LYS B 114 14.40 -13.43 -17.18
C LYS B 114 14.05 -12.01 -17.61
N ALA B 115 14.36 -11.01 -16.77
CA ALA B 115 14.07 -9.59 -17.12
C ALA B 115 14.86 -9.19 -18.36
N VAL B 116 16.18 -9.47 -18.38
CA VAL B 116 17.13 -9.12 -19.45
C VAL B 116 16.76 -9.82 -20.76
N ASN B 117 16.37 -11.12 -20.72
CA ASN B 117 15.93 -11.81 -21.95
C ASN B 117 14.64 -11.21 -22.54
N HIS B 118 13.66 -10.84 -21.69
N HIS B 118 13.68 -10.85 -21.68
CA HIS B 118 12.43 -10.22 -22.22
CA HIS B 118 12.41 -10.24 -22.10
C HIS B 118 12.71 -8.85 -22.82
C HIS B 118 12.66 -8.85 -22.73
N ILE B 119 13.55 -8.03 -22.14
CA ILE B 119 13.96 -6.70 -22.64
C ILE B 119 14.63 -6.83 -24.02
N HIS B 120 15.55 -7.80 -24.19
CA HIS B 120 16.18 -8.06 -25.49
C HIS B 120 15.14 -8.43 -26.56
N SER B 121 14.10 -9.23 -26.21
CA SER B 121 13.07 -9.60 -27.18
C SER B 121 12.17 -8.38 -27.51
N VAL B 122 11.88 -7.50 -26.52
CA VAL B 122 11.08 -6.27 -26.77
C VAL B 122 11.87 -5.35 -27.72
N TRP B 123 13.19 -5.16 -27.46
CA TRP B 123 14.09 -4.36 -28.28
C TRP B 123 14.13 -4.88 -29.73
N LYS B 124 14.35 -6.19 -29.89
CA LYS B 124 14.37 -6.84 -31.22
C LYS B 124 13.03 -6.59 -31.95
N ASP B 125 11.89 -6.69 -31.22
CA ASP B 125 10.57 -6.45 -31.82
C ASP B 125 10.42 -4.99 -32.30
N LEU B 126 11.00 -4.00 -31.53
CA LEU B 126 10.99 -2.57 -31.93
C LEU B 126 11.71 -2.38 -33.28
N LEU B 127 12.85 -3.05 -33.45
CA LEU B 127 13.63 -2.94 -34.68
C LEU B 127 12.97 -3.58 -35.87
N GLU B 128 12.26 -4.68 -35.66
CA GLU B 128 11.64 -5.45 -36.74
C GLU B 128 10.24 -5.03 -37.11
N ASP B 129 9.54 -4.36 -36.20
CA ASP B 129 8.15 -3.97 -36.45
C ASP B 129 8.04 -2.48 -36.09
N THR B 130 7.64 -1.64 -37.03
CA THR B 130 7.45 -0.21 -36.78
C THR B 130 5.98 0.16 -36.99
N VAL B 131 5.06 -0.82 -36.95
N VAL B 131 5.04 -0.81 -36.95
CA VAL B 131 3.66 -0.57 -37.21
CA VAL B 131 3.61 -0.55 -37.25
C VAL B 131 2.74 -0.88 -36.03
C VAL B 131 2.61 -0.95 -36.15
N THR B 132 2.85 -2.09 -35.45
CA THR B 132 1.90 -2.57 -34.44
C THR B 132 1.75 -1.67 -33.22
N PRO B 133 0.54 -1.11 -32.96
CA PRO B 133 0.36 -0.32 -31.73
C PRO B 133 0.74 -1.15 -30.49
N ILE B 134 1.50 -0.54 -29.60
CA ILE B 134 1.94 -1.13 -28.35
C ILE B 134 0.85 -0.91 -27.29
N ASP B 135 0.58 -1.94 -26.49
CA ASP B 135 -0.43 -1.86 -25.43
C ASP B 135 0.00 -0.90 -24.33
N THR B 136 -0.99 -0.27 -23.69
CA THR B 136 -0.78 0.63 -22.55
C THR B 136 -1.87 0.36 -21.53
N THR B 137 -1.55 0.65 -20.27
CA THR B 137 -2.48 0.58 -19.16
C THR B 137 -2.95 1.98 -18.84
N ILE B 138 -4.26 2.16 -18.67
CA ILE B 138 -4.83 3.45 -18.26
C ILE B 138 -5.25 3.28 -16.78
N MET B 139 -4.82 4.22 -15.92
CA MET B 139 -5.14 4.21 -14.48
C MET B 139 -5.57 5.61 -14.07
N ALA B 140 -6.36 5.69 -12.98
CA ALA B 140 -6.72 6.97 -12.38
C ALA B 140 -5.68 7.18 -11.29
N LYS B 141 -5.05 8.35 -11.24
CA LYS B 141 -4.04 8.66 -10.23
C LYS B 141 -4.78 8.99 -8.93
N ASN B 142 -4.17 8.61 -7.79
CA ASN B 142 -4.68 8.94 -6.47
C ASN B 142 -3.81 10.06 -5.92
N GLU B 143 -4.29 11.29 -6.07
CA GLU B 143 -3.58 12.50 -5.62
C GLU B 143 -4.43 13.25 -4.60
N VAL B 144 -3.76 13.88 -3.64
CA VAL B 144 -4.38 14.61 -2.53
C VAL B 144 -4.46 16.12 -2.81
N PHE B 145 -5.61 16.72 -2.52
CA PHE B 145 -5.83 18.14 -2.70
C PHE B 145 -6.68 18.69 -1.57
N CYS B 146 -6.79 20.02 -1.53
CA CYS B 146 -7.74 20.68 -0.66
C CYS B 146 -8.96 21.01 -1.56
N VAL B 147 -10.21 20.91 -1.03
CA VAL B 147 -11.43 21.24 -1.79
C VAL B 147 -11.38 22.73 -2.24
N GLN B 148 -12.11 23.07 -3.35
CA GLN B 148 -12.26 24.40 -3.98
C GLN B 148 -10.91 25.06 -4.29
N ARG B 154 -14.21 19.52 -5.58
CA ARG B 154 -13.42 18.31 -5.85
C ARG B 154 -13.07 18.11 -7.33
N LYS B 155 -11.77 17.97 -7.64
CA LYS B 155 -11.20 17.74 -8.97
C LYS B 155 -11.34 16.24 -9.31
N PRO B 156 -11.74 15.85 -10.54
CA PRO B 156 -11.77 14.42 -10.86
C PRO B 156 -10.33 13.89 -10.99
N ALA B 157 -10.16 12.57 -10.88
CA ALA B 157 -8.81 11.98 -10.97
C ALA B 157 -8.12 12.30 -12.29
N ARG B 158 -6.81 12.58 -12.24
CA ARG B 158 -6.00 12.73 -13.45
C ARG B 158 -5.74 11.30 -13.95
N LEU B 159 -5.48 11.15 -15.25
CA LEU B 159 -5.26 9.84 -15.81
C LEU B 159 -3.78 9.61 -16.10
N ILE B 160 -3.33 8.34 -16.01
CA ILE B 160 -1.96 7.95 -16.31
C ILE B 160 -2.01 6.85 -17.35
N VAL B 161 -1.23 7.00 -18.42
CA VAL B 161 -1.20 6.03 -19.52
C VAL B 161 0.26 5.60 -19.72
N PHE B 162 0.54 4.30 -19.52
CA PHE B 162 1.89 3.77 -19.56
C PHE B 162 2.04 2.39 -20.22
N PRO B 163 3.17 2.15 -20.93
CA PRO B 163 3.39 0.83 -21.52
C PRO B 163 4.03 -0.10 -20.48
N ASP B 164 4.20 -1.37 -20.82
CA ASP B 164 4.78 -2.40 -19.94
C ASP B 164 6.22 -2.07 -19.59
N LEU B 165 6.69 -2.55 -18.42
CA LEU B 165 8.04 -2.39 -17.91
C LEU B 165 9.15 -2.69 -18.95
N GLY B 166 9.00 -3.78 -19.72
CA GLY B 166 9.97 -4.13 -20.77
C GLY B 166 10.10 -3.04 -21.81
N VAL B 167 8.94 -2.44 -22.21
CA VAL B 167 8.91 -1.30 -23.16
C VAL B 167 9.62 -0.06 -22.53
N ARG B 168 9.35 0.23 -21.24
CA ARG B 168 9.93 1.37 -20.52
C ARG B 168 11.45 1.29 -20.47
N VAL B 169 12.01 0.08 -20.24
CA VAL B 169 13.44 -0.12 -20.26
C VAL B 169 13.99 0.20 -21.67
N CYS B 170 13.28 -0.25 -22.73
CA CYS B 170 13.66 0.01 -24.14
C CYS B 170 13.60 1.51 -24.49
N GLU B 171 12.59 2.23 -23.97
CA GLU B 171 12.48 3.68 -24.14
C GLU B 171 13.77 4.33 -23.61
N LYS B 172 14.26 3.88 -22.44
CA LYS B 172 15.50 4.42 -21.84
C LYS B 172 16.70 4.13 -22.71
N MET B 173 16.84 2.89 -23.22
N MET B 173 16.81 2.90 -23.21
CA MET B 173 17.97 2.56 -24.08
CA MET B 173 17.91 2.48 -24.09
C MET B 173 18.03 3.48 -25.31
C MET B 173 18.02 3.43 -25.30
N ALA B 174 16.90 3.67 -25.98
CA ALA B 174 16.80 4.48 -27.19
C ALA B 174 16.85 5.99 -26.99
N LEU B 175 16.22 6.51 -25.91
CA LEU B 175 15.98 7.94 -25.79
C LEU B 175 16.44 8.64 -24.53
N TYR B 176 16.94 7.89 -23.53
CA TYR B 176 17.34 8.56 -22.28
C TYR B 176 18.34 9.70 -22.53
N ASP B 177 19.43 9.42 -23.29
CA ASP B 177 20.46 10.40 -23.61
C ASP B 177 19.86 11.55 -24.43
N VAL B 178 18.95 11.25 -25.39
CA VAL B 178 18.27 12.28 -26.20
C VAL B 178 17.47 13.25 -25.28
N VAL B 179 16.56 12.72 -24.45
CA VAL B 179 15.65 13.55 -23.63
C VAL B 179 16.38 14.30 -22.52
N SER B 180 17.60 13.86 -22.19
CA SER B 180 18.42 14.48 -21.16
C SER B 180 19.27 15.60 -21.73
N THR B 181 19.69 15.51 -23.02
N THR B 181 19.69 15.49 -23.01
CA THR B 181 20.61 16.49 -23.60
CA THR B 181 20.63 16.42 -23.64
C THR B 181 20.05 17.38 -24.70
C THR B 181 20.00 17.38 -24.65
N LEU B 182 19.12 16.87 -25.53
CA LEU B 182 18.53 17.64 -26.63
C LEU B 182 17.79 18.92 -26.19
N PRO B 183 16.93 18.94 -25.13
CA PRO B 183 16.17 20.17 -24.81
C PRO B 183 16.99 21.42 -24.54
N GLN B 184 18.06 21.32 -23.74
CA GLN B 184 18.93 22.47 -23.44
C GLN B 184 19.69 22.95 -24.71
N VAL B 185 20.06 22.03 -25.62
CA VAL B 185 20.73 22.45 -26.85
C VAL B 185 19.72 23.20 -27.76
N VAL B 186 18.50 22.67 -27.87
CA VAL B 186 17.50 23.28 -28.76
C VAL B 186 16.97 24.63 -28.22
N MET B 187 16.73 24.69 -26.90
CA MET B 187 16.08 25.84 -26.25
C MET B 187 17.01 26.75 -25.43
N GLY B 188 18.25 26.34 -25.26
CA GLY B 188 19.24 27.10 -24.49
C GLY B 188 18.74 27.40 -23.08
N SER B 189 18.93 28.66 -22.65
CA SER B 189 18.53 29.16 -21.33
C SER B 189 17.00 29.14 -21.08
N SER B 190 16.18 28.94 -22.15
CA SER B 190 14.72 28.82 -22.05
C SER B 190 14.26 27.48 -21.47
N TYR B 191 15.15 26.46 -21.47
CA TYR B 191 14.81 25.14 -20.91
C TYR B 191 14.83 25.18 -19.39
N GLY B 192 13.66 25.12 -18.78
CA GLY B 192 13.52 25.26 -17.33
C GLY B 192 14.15 24.21 -16.45
N PHE B 193 14.18 22.95 -16.90
CA PHE B 193 14.64 21.84 -16.05
C PHE B 193 16.15 21.77 -15.85
N GLN B 194 16.93 22.64 -16.50
CA GLN B 194 18.38 22.69 -16.29
C GLN B 194 18.70 23.48 -14.99
N TYR B 195 17.71 24.16 -14.41
CA TYR B 195 17.93 25.02 -13.24
C TYR B 195 17.46 24.43 -11.94
N SER B 196 18.22 24.69 -10.88
CA SER B 196 17.81 24.43 -9.52
C SER B 196 16.79 25.56 -9.19
N PRO B 197 15.99 25.56 -8.09
CA PRO B 197 15.09 26.70 -7.86
C PRO B 197 15.82 28.06 -7.76
N GLY B 198 17.03 28.06 -7.21
CA GLY B 198 17.88 29.24 -7.06
C GLY B 198 18.30 29.78 -8.41
N GLN B 199 18.69 28.87 -9.32
CA GLN B 199 19.09 29.25 -10.68
C GLN B 199 17.92 29.75 -11.49
N ARG B 200 16.70 29.23 -11.22
CA ARG B 200 15.48 29.64 -11.93
C ARG B 200 15.13 31.08 -11.53
N VAL B 201 15.27 31.41 -10.24
CA VAL B 201 15.05 32.74 -9.68
C VAL B 201 16.03 33.72 -10.35
N GLU B 202 17.32 33.33 -10.40
CA GLU B 202 18.41 34.09 -10.99
C GLU B 202 18.14 34.35 -12.48
N PHE B 203 17.69 33.31 -13.23
CA PHE B 203 17.36 33.46 -14.64
C PHE B 203 16.17 34.42 -14.81
N LEU B 204 15.10 34.27 -14.00
CA LEU B 204 13.93 35.12 -14.06
C LEU B 204 14.26 36.60 -13.75
N VAL B 205 15.04 36.85 -12.69
CA VAL B 205 15.49 38.18 -12.26
C VAL B 205 16.36 38.83 -13.35
N ASN B 206 17.40 38.11 -13.84
CA ASN B 206 18.27 38.63 -14.89
C ASN B 206 17.52 38.90 -16.18
N THR B 207 16.52 38.05 -16.54
CA THR B 207 15.72 38.24 -17.75
C THR B 207 14.89 39.52 -17.63
N TRP B 208 14.19 39.68 -16.50
CA TRP B 208 13.34 40.82 -16.17
C TRP B 208 14.16 42.13 -16.26
N LYS B 209 15.39 42.11 -15.71
CA LYS B 209 16.33 43.22 -15.68
C LYS B 209 16.93 43.53 -17.06
N SER B 210 17.10 42.50 -17.92
CA SER B 210 17.63 42.65 -19.28
C SER B 210 16.67 43.44 -20.23
N LYS B 211 15.42 43.65 -19.79
CA LYS B 211 14.41 44.38 -20.56
C LYS B 211 14.35 45.85 -20.11
N LYS B 212 14.29 46.82 -21.08
CA LYS B 212 14.14 48.26 -20.81
C LYS B 212 12.86 48.53 -20.02
N ASN B 213 11.72 48.02 -20.52
CA ASN B 213 10.41 48.14 -19.86
C ASN B 213 9.82 46.72 -19.86
N PRO B 214 10.12 45.91 -18.83
CA PRO B 214 9.66 44.50 -18.84
C PRO B 214 8.18 44.27 -18.69
N MET B 215 7.70 43.24 -19.39
CA MET B 215 6.33 42.75 -19.29
C MET B 215 6.47 41.24 -19.30
N GLY B 216 5.67 40.57 -18.50
CA GLY B 216 5.69 39.12 -18.42
C GLY B 216 4.33 38.51 -18.24
N PHE B 217 4.19 37.23 -18.65
CA PHE B 217 2.95 36.50 -18.50
C PHE B 217 3.22 35.00 -18.49
N SER B 218 2.35 34.29 -17.84
CA SER B 218 2.38 32.83 -17.84
C SER B 218 1.26 32.42 -18.81
N TYR B 219 1.42 31.29 -19.51
CA TYR B 219 0.38 30.82 -20.41
C TYR B 219 -0.03 29.40 -19.99
N ASP B 220 -1.28 29.23 -19.62
CA ASP B 220 -1.85 27.96 -19.18
C ASP B 220 -2.63 27.35 -20.33
N THR B 221 -2.20 26.17 -20.83
CA THR B 221 -2.93 25.46 -21.87
C THR B 221 -3.90 24.52 -21.16
N ARG B 222 -5.14 24.49 -21.64
CA ARG B 222 -6.16 23.62 -21.07
C ARG B 222 -5.86 22.16 -21.50
N CYS B 223 -5.70 21.21 -20.54
N CYS B 223 -5.63 21.26 -20.53
CA CYS B 223 -5.46 19.76 -20.78
CA CYS B 223 -5.39 19.83 -20.72
C CYS B 223 -4.38 19.56 -21.85
C CYS B 223 -4.38 19.60 -21.85
N PHE B 224 -3.14 20.07 -21.62
CA PHE B 224 -2.05 20.03 -22.60
C PHE B 224 -1.83 18.68 -23.30
N ASP B 225 -1.77 17.55 -22.55
CA ASP B 225 -1.56 16.24 -23.16
C ASP B 225 -2.59 15.91 -24.26
N SER B 226 -3.86 16.29 -24.05
CA SER B 226 -4.94 16.01 -24.99
C SER B 226 -4.88 16.95 -26.21
N THR B 227 -4.20 18.12 -26.11
CA THR B 227 -4.09 19.05 -27.24
C THR B 227 -2.99 18.61 -28.20
N VAL B 228 -2.12 17.70 -27.74
CA VAL B 228 -0.98 17.18 -28.52
C VAL B 228 -1.52 16.26 -29.59
N THR B 229 -1.33 16.64 -30.87
CA THR B 229 -1.83 15.91 -32.04
C THR B 229 -0.78 14.92 -32.60
N GLU B 230 -1.18 14.12 -33.60
CA GLU B 230 -0.26 13.21 -34.29
C GLU B 230 0.86 14.02 -34.96
N ASN B 231 0.49 15.15 -35.59
CA ASN B 231 1.45 16.07 -36.21
C ASN B 231 2.54 16.45 -35.17
N ASP B 232 2.11 16.87 -33.96
CA ASP B 232 3.04 17.29 -32.89
C ASP B 232 4.04 16.19 -32.53
N ILE B 233 3.54 14.97 -32.37
CA ILE B 233 4.36 13.81 -32.00
C ILE B 233 5.33 13.43 -33.14
N ARG B 234 4.90 13.57 -34.41
CA ARG B 234 5.76 13.32 -35.58
C ARG B 234 6.80 14.45 -35.71
N VAL B 235 6.43 15.68 -35.39
CA VAL B 235 7.35 16.82 -35.40
C VAL B 235 8.43 16.61 -34.32
N GLU B 236 8.04 16.12 -33.12
CA GLU B 236 9.01 15.81 -32.06
C GLU B 236 10.00 14.74 -32.56
N GLU B 237 9.48 13.70 -33.22
CA GLU B 237 10.36 12.67 -33.74
C GLU B 237 11.35 13.20 -34.78
N SER B 238 10.89 14.10 -35.68
CA SER B 238 11.80 14.68 -36.69
C SER B 238 12.91 15.47 -36.00
N ILE B 239 12.60 16.10 -34.85
CA ILE B 239 13.60 16.81 -34.03
C ILE B 239 14.62 15.78 -33.44
N TYR B 240 14.12 14.69 -32.82
CA TYR B 240 15.01 13.67 -32.25
C TYR B 240 15.92 13.09 -33.35
N GLN B 241 15.35 12.90 -34.57
CA GLN B 241 16.02 12.33 -35.73
C GLN B 241 17.12 13.25 -36.29
N CYS B 242 17.11 14.53 -35.94
CA CYS B 242 18.18 15.46 -36.31
C CYS B 242 19.48 15.14 -35.59
N CYS B 243 19.40 14.55 -34.38
CA CYS B 243 20.59 14.21 -33.61
C CYS B 243 21.48 13.24 -34.41
N ASP B 244 22.75 13.17 -34.05
CA ASP B 244 23.73 12.20 -34.57
C ASP B 244 23.45 10.99 -33.70
N LEU B 245 22.84 9.99 -34.29
CA LEU B 245 22.41 8.78 -33.61
C LEU B 245 22.95 7.56 -34.33
N ALA B 246 23.09 6.45 -33.60
CA ALA B 246 23.46 5.18 -34.20
C ALA B 246 22.24 4.74 -35.07
N PRO B 247 22.44 4.09 -36.24
CA PRO B 247 21.28 3.66 -37.05
C PRO B 247 20.20 2.84 -36.29
N GLU B 248 20.61 2.02 -35.31
CA GLU B 248 19.75 1.19 -34.46
C GLU B 248 18.84 2.05 -33.56
N ALA B 249 19.39 3.15 -33.00
CA ALA B 249 18.62 4.08 -32.16
C ALA B 249 17.61 4.84 -33.04
N ARG B 250 17.94 5.12 -34.33
CA ARG B 250 17.00 5.79 -35.25
C ARG B 250 15.79 4.90 -35.48
N GLN B 251 16.06 3.60 -35.68
CA GLN B 251 15.03 2.60 -35.91
C GLN B 251 14.12 2.47 -34.68
N ALA B 252 14.72 2.31 -33.52
CA ALA B 252 13.98 2.20 -32.26
C ALA B 252 13.11 3.46 -31.96
N ILE B 253 13.59 4.66 -32.27
CA ILE B 253 12.88 5.92 -32.04
C ILE B 253 11.70 6.02 -33.02
N LYS B 254 11.91 5.61 -34.28
CA LYS B 254 10.85 5.60 -35.31
C LYS B 254 9.74 4.64 -34.85
N SER B 255 10.14 3.46 -34.40
CA SER B 255 9.25 2.39 -33.96
C SER B 255 8.45 2.85 -32.74
N LEU B 256 9.13 3.40 -31.69
CA LEU B 256 8.45 3.89 -30.52
C LEU B 256 7.49 5.02 -30.87
N THR B 257 7.87 5.90 -31.83
CA THR B 257 6.96 6.98 -32.24
C THR B 257 5.70 6.42 -32.89
N GLU B 258 5.87 5.51 -33.88
CA GLU B 258 4.77 4.93 -34.64
C GLU B 258 3.85 4.09 -33.77
N ARG B 259 4.43 3.24 -32.93
CA ARG B 259 3.72 2.24 -32.15
C ARG B 259 3.24 2.67 -30.76
N LEU B 260 3.88 3.68 -30.18
CA LEU B 260 3.56 4.11 -28.82
C LEU B 260 3.29 5.61 -28.67
N TYR B 261 4.21 6.47 -29.11
CA TYR B 261 4.06 7.91 -28.85
C TYR B 261 2.85 8.56 -29.55
N ILE B 262 2.60 8.19 -30.81
CA ILE B 262 1.45 8.71 -31.57
C ILE B 262 0.10 8.28 -31.00
N GLY B 263 0.04 7.06 -30.47
CA GLY B 263 -1.23 6.56 -29.98
C GLY B 263 -1.21 5.07 -29.78
N GLY B 264 -2.34 4.54 -29.33
CA GLY B 264 -2.47 3.12 -29.07
C GLY B 264 -3.62 2.75 -28.18
N PRO B 265 -3.87 1.43 -28.02
CA PRO B 265 -5.01 0.99 -27.20
C PRO B 265 -4.77 1.20 -25.73
N LEU B 266 -5.87 1.44 -25.01
CA LEU B 266 -5.91 1.68 -23.56
C LEU B 266 -6.53 0.49 -22.87
N THR B 267 -5.78 -0.13 -21.97
CA THR B 267 -6.24 -1.31 -21.24
C THR B 267 -6.36 -0.99 -19.77
N ASN B 268 -7.49 -1.41 -19.13
CA ASN B 268 -7.63 -1.17 -17.70
C ASN B 268 -6.84 -2.22 -16.90
N SER B 269 -6.77 -2.06 -15.56
CA SER B 269 -6.05 -2.94 -14.64
C SER B 269 -6.56 -4.38 -14.65
N LYS B 270 -7.80 -4.60 -15.16
CA LYS B 270 -8.44 -5.91 -15.25
C LYS B 270 -8.23 -6.55 -16.63
N GLY B 271 -7.49 -5.88 -17.51
CA GLY B 271 -7.23 -6.38 -18.87
C GLY B 271 -8.31 -6.12 -19.90
N GLN B 272 -9.27 -5.22 -19.63
CA GLN B 272 -10.29 -4.92 -20.64
C GLN B 272 -9.88 -3.71 -21.48
N ASN B 273 -10.31 -3.71 -22.75
CA ASN B 273 -10.07 -2.58 -23.65
C ASN B 273 -10.97 -1.41 -23.30
N CYS B 274 -10.40 -0.27 -22.91
CA CYS B 274 -11.13 0.97 -22.54
C CYS B 274 -11.32 1.93 -23.71
N GLY B 275 -10.47 1.81 -24.71
CA GLY B 275 -10.49 2.68 -25.85
C GLY B 275 -9.15 2.87 -26.53
N TYR B 276 -9.02 4.00 -27.20
CA TYR B 276 -7.84 4.33 -28.00
C TYR B 276 -7.37 5.76 -27.81
N ARG B 277 -6.06 5.96 -27.63
CA ARG B 277 -5.44 7.27 -27.46
C ARG B 277 -4.84 7.77 -28.79
N ARG B 278 -5.03 9.08 -29.10
CA ARG B 278 -4.43 9.72 -30.29
C ARG B 278 -3.76 11.04 -29.89
N CYS B 279 -3.34 11.11 -28.64
CA CYS B 279 -2.71 12.27 -28.06
C CYS B 279 -1.55 11.83 -27.21
N ARG B 280 -0.89 12.77 -26.52
CA ARG B 280 0.25 12.45 -25.66
C ARG B 280 -0.10 11.46 -24.54
N ALA B 281 0.73 10.40 -24.40
CA ALA B 281 0.62 9.45 -23.28
C ALA B 281 1.35 10.14 -22.13
N SER B 282 0.69 10.22 -20.97
CA SER B 282 1.24 10.91 -19.79
C SER B 282 2.36 10.11 -19.06
N GLY B 283 2.47 8.82 -19.34
CA GLY B 283 3.44 7.98 -18.66
C GLY B 283 4.44 7.32 -19.57
N VAL B 284 5.12 8.12 -20.43
CA VAL B 284 6.19 7.61 -21.29
C VAL B 284 7.46 8.43 -21.02
N LEU B 285 8.62 7.93 -21.46
CA LEU B 285 9.89 8.64 -21.24
C LEU B 285 9.92 10.04 -21.83
N THR B 286 9.36 10.19 -23.01
CA THR B 286 9.35 11.45 -23.76
C THR B 286 8.26 12.42 -23.35
N THR B 287 7.42 12.12 -22.34
CA THR B 287 6.31 13.03 -21.95
C THR B 287 6.83 14.47 -21.68
N SER B 288 7.83 14.60 -20.80
CA SER B 288 8.38 15.89 -20.40
C SER B 288 9.08 16.60 -21.57
N CYS B 289 10.03 15.93 -22.24
CA CYS B 289 10.78 16.49 -23.38
C CYS B 289 9.85 16.84 -24.57
N GLY B 290 8.94 15.93 -24.89
CA GLY B 290 7.97 16.14 -25.94
C GLY B 290 7.10 17.36 -25.65
N ASN B 291 6.56 17.45 -24.41
CA ASN B 291 5.73 18.58 -24.00
C ASN B 291 6.49 19.90 -24.05
N THR B 292 7.75 19.90 -23.54
CA THR B 292 8.62 21.10 -23.52
C THR B 292 8.88 21.60 -24.94
N LEU B 293 9.33 20.69 -25.83
CA LEU B 293 9.62 21.05 -27.22
C LEU B 293 8.41 21.59 -27.95
N THR B 294 7.27 20.93 -27.80
CA THR B 294 6.01 21.31 -28.44
C THR B 294 5.48 22.63 -27.91
N CYS B 295 5.57 22.82 -26.59
CA CYS B 295 5.12 24.06 -25.97
C CYS B 295 6.03 25.22 -26.43
N TYR B 296 7.34 24.99 -26.41
CA TYR B 296 8.32 26.00 -26.84
C TYR B 296 8.14 26.35 -28.34
N LEU B 297 7.88 25.33 -29.19
CA LEU B 297 7.69 25.55 -30.64
C LEU B 297 6.45 26.42 -30.90
N LYS B 298 5.30 26.01 -30.36
CA LYS B 298 4.03 26.74 -30.54
C LYS B 298 4.11 28.15 -29.96
N ALA B 299 4.72 28.30 -28.77
CA ALA B 299 4.83 29.61 -28.14
C ALA B 299 5.80 30.56 -28.82
N SER B 300 6.99 30.04 -29.29
CA SER B 300 7.96 30.88 -30.00
C SER B 300 7.31 31.41 -31.30
N ALA B 301 6.57 30.52 -32.02
CA ALA B 301 5.84 30.86 -33.23
C ALA B 301 4.74 31.89 -32.93
N ALA B 302 3.96 31.70 -31.82
CA ALA B 302 2.90 32.59 -31.41
C ALA B 302 3.42 34.01 -31.04
N CYS B 303 4.64 34.09 -30.46
N CYS B 303 4.63 34.09 -30.45
CA CYS B 303 5.35 35.33 -30.10
CA CYS B 303 5.28 35.35 -30.10
C CYS B 303 5.61 36.17 -31.37
C CYS B 303 5.56 36.18 -31.38
N ARG B 304 6.04 35.51 -32.45
CA ARG B 304 6.30 36.16 -33.76
C ARG B 304 4.96 36.60 -34.38
N ALA B 305 3.92 35.76 -34.29
CA ALA B 305 2.58 36.12 -34.79
C ALA B 305 2.04 37.38 -34.07
N ALA B 306 2.30 37.49 -32.76
CA ALA B 306 1.85 38.58 -31.90
C ALA B 306 2.74 39.83 -31.97
N LYS B 307 3.90 39.73 -32.65
CA LYS B 307 4.89 40.80 -32.78
C LYS B 307 5.44 41.25 -31.41
N LEU B 308 5.56 40.29 -30.48
CA LEU B 308 6.08 40.50 -29.14
C LEU B 308 7.59 40.79 -29.29
N GLN B 309 8.05 41.92 -28.77
CA GLN B 309 9.45 42.34 -28.89
C GLN B 309 10.31 41.70 -27.82
N ASP B 310 11.48 41.17 -28.24
CA ASP B 310 12.51 40.54 -27.40
C ASP B 310 11.96 39.54 -26.39
N CYS B 311 11.31 38.48 -26.89
CA CYS B 311 10.72 37.42 -26.10
C CYS B 311 11.70 36.43 -25.57
N THR B 312 11.69 36.29 -24.24
CA THR B 312 12.48 35.29 -23.53
C THR B 312 11.49 34.35 -22.93
N MET B 313 11.60 33.12 -23.30
CA MET B 313 10.70 32.10 -22.80
C MET B 313 11.34 31.31 -21.70
N LEU B 314 10.52 30.77 -20.82
CA LEU B 314 10.96 29.85 -19.78
C LEU B 314 9.94 28.72 -19.82
N VAL B 315 10.39 27.54 -20.31
CA VAL B 315 9.50 26.39 -20.57
C VAL B 315 9.88 25.16 -19.76
N ASN B 316 8.87 24.54 -19.13
CA ASN B 316 9.02 23.31 -18.31
C ASN B 316 7.82 22.47 -18.67
N GLY B 317 7.97 21.53 -19.59
CA GLY B 317 6.82 20.72 -20.02
C GLY B 317 5.77 21.64 -20.62
N ASP B 318 4.55 21.56 -20.12
CA ASP B 318 3.45 22.42 -20.55
C ASP B 318 3.43 23.78 -19.85
N ASP B 319 4.35 23.99 -18.88
CA ASP B 319 4.39 25.24 -18.13
C ASP B 319 5.24 26.29 -18.84
N LEU B 320 4.63 27.44 -19.15
CA LEU B 320 5.24 28.49 -19.93
C LEU B 320 5.16 29.89 -19.31
N VAL B 321 6.33 30.56 -19.27
CA VAL B 321 6.51 31.94 -18.85
C VAL B 321 7.17 32.65 -20.00
N VAL B 322 6.65 33.83 -20.36
CA VAL B 322 7.24 34.69 -21.40
C VAL B 322 7.51 36.04 -20.74
N ILE B 323 8.74 36.55 -20.89
CA ILE B 323 9.15 37.88 -20.45
C ILE B 323 9.62 38.61 -21.73
N CYS B 324 9.09 39.80 -21.98
CA CYS B 324 9.43 40.57 -23.19
C CYS B 324 9.52 42.08 -22.95
N GLU B 325 9.76 42.87 -24.03
CA GLU B 325 9.79 44.33 -23.95
C GLU B 325 8.37 44.86 -24.11
N SER B 326 7.89 45.61 -23.09
CA SER B 326 6.56 46.22 -23.11
C SER B 326 6.50 47.27 -24.23
N ALA B 327 5.36 47.29 -24.95
CA ALA B 327 5.13 48.23 -26.05
C ALA B 327 4.06 49.21 -25.60
N GLY B 328 3.80 49.19 -24.29
CA GLY B 328 2.76 49.97 -23.64
C GLY B 328 1.68 49.01 -23.17
N THR B 329 0.87 49.43 -22.16
CA THR B 329 -0.18 48.58 -21.56
C THR B 329 -1.24 48.15 -22.57
N GLN B 330 -1.81 49.09 -23.32
CA GLN B 330 -2.85 48.76 -24.33
C GLN B 330 -2.30 47.83 -25.43
N GLU B 331 -1.09 48.13 -25.90
CA GLU B 331 -0.40 47.34 -26.93
C GLU B 331 -0.05 45.92 -26.44
N ASP B 332 0.43 45.77 -25.16
CA ASP B 332 0.74 44.46 -24.55
C ASP B 332 -0.49 43.58 -24.45
N ALA B 333 -1.62 44.12 -23.91
CA ALA B 333 -2.88 43.40 -23.80
C ALA B 333 -3.39 42.93 -25.18
N ALA B 334 -3.24 43.78 -26.23
CA ALA B 334 -3.64 43.43 -27.61
C ALA B 334 -2.74 42.29 -28.15
N SER B 335 -1.42 42.40 -27.97
CA SER B 335 -0.42 41.42 -28.37
C SER B 335 -0.69 40.04 -27.76
N LEU B 336 -1.13 40.02 -26.47
CA LEU B 336 -1.49 38.82 -25.74
C LEU B 336 -2.69 38.11 -26.32
N ARG B 337 -3.66 38.89 -26.83
CA ARG B 337 -4.84 38.35 -27.51
C ARG B 337 -4.41 37.61 -28.81
N VAL B 338 -3.50 38.22 -29.60
CA VAL B 338 -2.95 37.67 -30.86
C VAL B 338 -2.17 36.39 -30.50
N PHE B 339 -1.31 36.46 -29.47
CA PHE B 339 -0.53 35.31 -28.99
C PHE B 339 -1.45 34.12 -28.73
N THR B 340 -2.53 34.34 -27.97
CA THR B 340 -3.54 33.33 -27.58
C THR B 340 -4.26 32.76 -28.83
N GLU B 341 -4.62 33.65 -29.78
CA GLU B 341 -5.27 33.28 -31.04
C GLU B 341 -4.37 32.34 -31.83
N ALA B 342 -3.06 32.65 -31.86
CA ALA B 342 -2.05 31.85 -32.56
C ALA B 342 -1.85 30.50 -31.87
N MET B 343 -1.78 30.49 -30.52
CA MET B 343 -1.64 29.25 -29.73
C MET B 343 -2.82 28.33 -29.98
N THR B 344 -4.04 28.92 -30.08
CA THR B 344 -5.29 28.19 -30.34
C THR B 344 -5.27 27.52 -31.73
N ARG B 345 -4.79 28.23 -32.76
CA ARG B 345 -4.68 27.69 -34.12
C ARG B 345 -3.69 26.54 -34.15
N TYR B 346 -2.65 26.62 -33.29
CA TYR B 346 -1.64 25.59 -33.14
C TYR B 346 -2.13 24.39 -32.28
N SER B 347 -3.40 24.40 -31.84
CA SER B 347 -4.00 23.39 -30.96
C SER B 347 -3.34 23.41 -29.58
N ALA B 348 -3.36 24.59 -28.93
CA ALA B 348 -2.90 24.81 -27.54
C ALA B 348 -3.77 25.95 -26.96
N PRO B 349 -5.12 25.76 -26.92
CA PRO B 349 -6.00 26.84 -26.42
C PRO B 349 -5.79 27.08 -24.92
N PRO B 350 -6.11 28.28 -24.40
CA PRO B 350 -5.85 28.55 -22.99
C PRO B 350 -6.90 28.02 -22.03
N GLY B 351 -6.45 27.73 -20.81
CA GLY B 351 -7.35 27.35 -19.72
C GLY B 351 -7.94 28.65 -19.23
N ASP B 352 -7.09 29.48 -18.64
CA ASP B 352 -7.42 30.83 -18.19
C ASP B 352 -6.78 31.77 -19.21
N PRO B 353 -7.40 32.92 -19.56
CA PRO B 353 -6.74 33.84 -20.51
C PRO B 353 -5.47 34.43 -19.89
N PRO B 354 -4.35 34.60 -20.66
CA PRO B 354 -3.13 35.12 -20.03
C PRO B 354 -3.24 36.59 -19.66
N GLN B 355 -2.58 36.99 -18.58
CA GLN B 355 -2.65 38.35 -18.09
C GLN B 355 -1.27 38.99 -18.12
N PRO B 356 -1.14 40.19 -18.74
CA PRO B 356 0.17 40.87 -18.73
C PRO B 356 0.52 41.34 -17.30
N GLU B 357 1.78 41.21 -16.91
CA GLU B 357 2.23 41.59 -15.57
C GLU B 357 3.46 42.47 -15.66
N TYR B 358 3.55 43.49 -14.79
CA TYR B 358 4.64 44.47 -14.76
C TYR B 358 5.44 44.42 -13.46
N ASP B 359 5.14 43.41 -12.64
CA ASP B 359 5.81 43.11 -11.38
C ASP B 359 6.16 41.61 -11.47
N LEU B 360 7.47 41.28 -11.49
CA LEU B 360 7.96 39.91 -11.57
C LEU B 360 7.31 38.94 -10.54
N GLU B 361 7.02 39.45 -9.35
CA GLU B 361 6.41 38.71 -8.24
C GLU B 361 4.96 38.32 -8.49
N LEU B 362 4.33 38.97 -9.45
CA LEU B 362 2.94 38.69 -9.78
C LEU B 362 2.78 37.63 -10.91
N ILE B 363 3.88 37.15 -11.50
CA ILE B 363 3.76 36.09 -12.49
C ILE B 363 3.70 34.74 -11.74
N THR B 364 2.62 33.98 -11.94
CA THR B 364 2.51 32.66 -11.34
C THR B 364 2.67 31.59 -12.40
N SER B 365 3.65 30.69 -12.22
CA SER B 365 3.91 29.55 -13.10
C SER B 365 4.69 28.43 -12.37
N CYS B 366 4.52 27.18 -12.83
CA CYS B 366 5.02 25.95 -12.21
C CYS B 366 4.44 25.94 -10.78
N SER B 367 3.17 26.47 -10.67
CA SER B 367 2.34 26.69 -9.47
C SER B 367 3.04 27.67 -8.47
N SER B 368 4.12 28.31 -8.93
CA SER B 368 5.01 29.14 -8.15
C SER B 368 5.10 30.61 -8.58
N ASN B 369 5.71 31.42 -7.72
CA ASN B 369 5.95 32.84 -7.98
C ASN B 369 7.24 33.25 -7.28
N VAL B 370 7.91 34.29 -7.79
CA VAL B 370 9.11 34.87 -7.16
C VAL B 370 8.62 35.77 -6.00
N SER B 371 9.34 35.74 -4.87
CA SER B 371 9.05 36.63 -3.75
C SER B 371 10.36 37.11 -3.18
N VAL B 372 10.32 37.98 -2.18
CA VAL B 372 11.54 38.54 -1.62
C VAL B 372 11.54 38.48 -0.09
N ALA B 373 12.71 38.19 0.47
CA ALA B 373 12.99 38.20 1.89
C ALA B 373 14.37 38.85 2.08
N HIS B 374 14.93 38.79 3.29
CA HIS B 374 16.24 39.38 3.60
C HIS B 374 17.15 38.36 4.25
N ASP B 375 18.43 38.36 3.86
CA ASP B 375 19.43 37.46 4.46
C ASP B 375 19.92 38.06 5.80
N ALA B 376 20.85 37.37 6.49
CA ALA B 376 21.37 37.80 7.80
C ALA B 376 21.93 39.23 7.77
N SER B 377 22.54 39.65 6.63
CA SER B 377 23.10 40.99 6.43
C SER B 377 22.05 42.08 6.10
N GLY B 378 20.80 41.67 5.86
CA GLY B 378 19.70 42.58 5.52
C GLY B 378 19.50 42.81 4.04
N LYS B 379 20.33 42.18 3.21
CA LYS B 379 20.27 42.26 1.76
C LYS B 379 18.99 41.59 1.23
N ARG B 380 18.31 42.24 0.26
CA ARG B 380 17.12 41.69 -0.40
C ARG B 380 17.51 40.41 -1.15
N VAL B 381 16.74 39.33 -0.96
CA VAL B 381 17.00 38.02 -1.56
C VAL B 381 15.71 37.51 -2.23
N TYR B 382 15.77 37.21 -3.53
CA TYR B 382 14.65 36.67 -4.28
C TYR B 382 14.71 35.16 -4.12
N TYR B 383 13.55 34.51 -4.09
CA TYR B 383 13.43 33.06 -3.94
C TYR B 383 12.07 32.64 -4.48
N LEU B 384 11.89 31.32 -4.75
CA LEU B 384 10.61 30.78 -5.20
C LEU B 384 9.80 30.23 -4.04
N THR B 385 8.51 30.52 -4.11
CA THR B 385 7.51 30.08 -3.18
C THR B 385 6.29 29.65 -4.00
N ARG B 386 5.21 29.30 -3.32
CA ARG B 386 3.95 28.90 -3.91
C ARG B 386 2.94 28.97 -2.83
N ASP B 387 1.67 28.90 -3.21
CA ASP B 387 0.56 28.81 -2.28
C ASP B 387 0.79 27.44 -1.55
N PRO B 388 0.76 27.40 -0.20
CA PRO B 388 1.09 26.13 0.49
C PRO B 388 -0.08 25.17 0.74
N THR B 389 -1.27 25.45 0.17
CA THR B 389 -2.48 24.64 0.40
C THR B 389 -2.30 23.14 0.05
N THR B 390 -1.87 22.83 -1.19
CA THR B 390 -1.65 21.46 -1.68
C THR B 390 -0.47 20.82 -0.93
N PRO B 391 0.71 21.47 -0.77
CA PRO B 391 1.76 20.89 0.08
C PRO B 391 1.25 20.51 1.50
N LEU B 392 0.41 21.37 2.11
CA LEU B 392 -0.10 21.12 3.46
C LEU B 392 -1.19 20.03 3.51
N ALA B 393 -2.06 19.97 2.49
CA ALA B 393 -3.05 18.90 2.39
C ALA B 393 -2.34 17.53 2.25
N ARG B 394 -1.26 17.46 1.43
CA ARG B 394 -0.45 16.25 1.22
C ARG B 394 0.36 15.87 2.45
N ALA B 395 0.88 16.88 3.19
CA ALA B 395 1.59 16.65 4.46
C ALA B 395 0.63 16.01 5.48
N ALA B 396 -0.66 16.43 5.49
CA ALA B 396 -1.67 15.87 6.43
C ALA B 396 -1.92 14.38 6.10
N TRP B 397 -2.00 14.06 4.80
CA TRP B 397 -2.19 12.67 4.37
C TRP B 397 -1.01 11.81 4.81
N GLU B 398 0.22 12.36 4.57
CA GLU B 398 1.50 11.72 4.85
C GLU B 398 1.78 11.58 6.33
N THR B 399 1.12 12.40 7.16
CA THR B 399 1.23 12.30 8.62
C THR B 399 0.60 10.95 9.11
N ALA B 400 -0.48 10.48 8.47
CA ALA B 400 -1.22 9.27 8.87
C ALA B 400 -1.00 8.06 7.98
N ARG B 401 -0.43 8.25 6.77
CA ARG B 401 -0.19 7.16 5.82
C ARG B 401 1.15 7.26 5.16
N HIS B 402 1.83 6.11 5.01
CA HIS B 402 3.05 6.03 4.21
C HIS B 402 2.58 5.99 2.76
N THR B 403 3.21 6.76 1.89
CA THR B 403 2.84 6.87 0.48
C THR B 403 4.09 6.58 -0.40
N PRO B 404 3.94 6.16 -1.69
CA PRO B 404 5.14 5.88 -2.51
C PRO B 404 6.09 7.08 -2.66
N VAL B 405 5.53 8.29 -2.76
CA VAL B 405 6.28 9.53 -2.87
C VAL B 405 5.96 10.41 -1.66
N ASN B 406 7.01 10.85 -0.95
CA ASN B 406 6.90 11.72 0.20
C ASN B 406 6.96 13.16 -0.28
N SER B 407 5.80 13.78 -0.53
CA SER B 407 5.73 15.15 -1.03
C SER B 407 6.31 16.16 -0.05
N TRP B 408 6.24 15.89 1.27
CA TRP B 408 6.79 16.81 2.26
C TRP B 408 8.30 16.96 2.08
N LEU B 409 8.97 15.86 1.78
CA LEU B 409 10.41 15.86 1.58
C LEU B 409 10.81 16.61 0.30
N GLY B 410 10.10 16.37 -0.80
CA GLY B 410 10.34 17.06 -2.07
C GLY B 410 10.06 18.55 -1.90
N ASN B 411 9.00 18.89 -1.15
CA ASN B 411 8.65 20.27 -0.86
C ASN B 411 9.68 20.98 0.03
N ILE B 412 10.22 20.31 1.07
CA ILE B 412 11.30 20.89 1.89
C ILE B 412 12.52 21.14 0.98
N ILE B 413 12.86 20.19 0.10
CA ILE B 413 14.00 20.32 -0.79
C ILE B 413 13.86 21.51 -1.75
N MET B 414 12.74 21.56 -2.48
CA MET B 414 12.50 22.57 -3.51
C MET B 414 12.11 23.94 -2.97
N TYR B 415 11.43 23.97 -1.80
CA TYR B 415 10.97 25.21 -1.16
C TYR B 415 11.59 25.47 0.19
N ALA B 416 12.81 24.95 0.45
CA ALA B 416 13.58 25.19 1.69
C ALA B 416 13.62 26.66 2.12
N PRO B 417 13.81 27.67 1.23
CA PRO B 417 13.86 29.08 1.70
C PRO B 417 12.53 29.67 2.19
N THR B 418 11.40 29.01 1.88
CA THR B 418 10.07 29.53 2.19
C THR B 418 9.72 29.52 3.66
N LEU B 419 8.91 30.47 4.07
CA LEU B 419 8.41 30.65 5.43
C LEU B 419 7.63 29.37 5.88
N TRP B 420 6.75 28.85 4.99
CA TRP B 420 5.90 27.70 5.26
C TRP B 420 6.65 26.36 5.30
N ALA B 421 7.65 26.13 4.42
CA ALA B 421 8.41 24.87 4.45
C ALA B 421 9.30 24.79 5.69
N ARG B 422 9.90 25.92 6.08
CA ARG B 422 10.78 25.99 7.25
C ARG B 422 10.04 25.87 8.57
N MET B 423 8.99 26.67 8.75
CA MET B 423 8.26 26.76 10.02
C MET B 423 7.33 25.62 10.27
N ILE B 424 6.69 25.10 9.21
CA ILE B 424 5.71 24.03 9.35
C ILE B 424 6.25 22.67 8.92
N LEU B 425 6.64 22.51 7.65
CA LEU B 425 7.08 21.20 7.15
C LEU B 425 8.30 20.64 7.88
N MET B 426 9.38 21.44 8.01
CA MET B 426 10.57 20.98 8.73
C MET B 426 10.24 20.61 10.19
N THR B 427 9.55 21.50 10.91
CA THR B 427 9.15 21.33 12.31
C THR B 427 8.35 20.07 12.51
N HIS B 428 7.24 19.91 11.77
CA HIS B 428 6.34 18.78 11.86
C HIS B 428 7.01 17.43 11.54
N PHE B 429 7.64 17.33 10.38
CA PHE B 429 8.22 16.06 9.98
C PHE B 429 9.48 15.69 10.76
N PHE B 430 10.32 16.68 11.21
CA PHE B 430 11.46 16.31 12.06
C PHE B 430 10.98 15.82 13.42
N SER B 431 9.89 16.40 13.94
CA SER B 431 9.29 15.97 15.21
C SER B 431 8.85 14.50 15.07
N ILE B 432 8.10 14.15 14.00
CA ILE B 432 7.66 12.77 13.68
C ILE B 432 8.87 11.81 13.58
N LEU B 433 9.90 12.16 12.75
CA LEU B 433 11.08 11.32 12.56
C LEU B 433 11.90 11.08 13.84
N LEU B 434 12.02 12.09 14.70
CA LEU B 434 12.71 12.02 15.99
C LEU B 434 12.02 10.97 16.86
N ALA B 435 10.68 11.07 17.01
CA ALA B 435 9.85 10.16 17.80
C ALA B 435 9.93 8.70 17.32
N GLN B 436 10.13 8.47 16.02
CA GLN B 436 10.21 7.12 15.46
C GLN B 436 11.65 6.66 15.24
N GLU B 437 12.63 7.52 15.60
CA GLU B 437 14.06 7.26 15.42
C GLU B 437 14.39 6.92 13.96
N GLN B 438 13.72 7.59 13.00
CA GLN B 438 13.88 7.36 11.56
C GLN B 438 14.58 8.52 10.81
N LEU B 439 15.45 9.27 11.49
CA LEU B 439 16.19 10.36 10.84
C LEU B 439 17.10 9.84 9.71
N GLU B 440 17.69 8.63 9.88
CA GLU B 440 18.62 7.97 8.93
C GLU B 440 17.91 7.17 7.85
N LYS B 441 16.59 6.94 7.96
CA LYS B 441 15.87 6.13 6.99
C LYS B 441 15.69 6.89 5.66
N ALA B 442 16.23 6.34 4.54
CA ALA B 442 16.10 6.95 3.22
C ALA B 442 14.63 6.89 2.78
N LEU B 443 14.14 7.99 2.22
CA LEU B 443 12.77 8.11 1.78
C LEU B 443 12.70 8.55 0.32
N ASP B 444 11.71 8.02 -0.41
CA ASP B 444 11.53 8.39 -1.80
C ASP B 444 10.83 9.70 -1.98
N CYS B 445 11.40 10.52 -2.87
CA CYS B 445 10.77 11.76 -3.26
C CYS B 445 11.03 11.98 -4.73
N GLN B 446 10.37 13.01 -5.28
CA GLN B 446 10.45 13.34 -6.69
C GLN B 446 10.94 14.75 -6.89
N ILE B 447 11.92 14.93 -7.80
CA ILE B 447 12.48 16.23 -8.20
C ILE B 447 12.42 16.28 -9.71
N TYR B 448 11.63 17.21 -10.28
CA TYR B 448 11.38 17.33 -11.73
C TYR B 448 10.96 15.97 -12.34
N GLY B 449 10.10 15.23 -11.62
CA GLY B 449 9.53 13.95 -12.04
C GLY B 449 10.41 12.73 -11.83
N ALA B 450 11.70 12.91 -11.57
CA ALA B 450 12.63 11.82 -11.34
C ALA B 450 12.58 11.42 -9.86
N CYS B 451 12.74 10.12 -9.58
N CYS B 451 12.70 10.11 -9.58
CA CYS B 451 12.71 9.56 -8.23
CA CYS B 451 12.67 9.56 -8.22
C CYS B 451 14.08 9.52 -7.58
C CYS B 451 14.05 9.52 -7.58
N TYR B 452 14.15 9.95 -6.32
CA TYR B 452 15.37 9.97 -5.53
C TYR B 452 15.07 9.33 -4.19
N SER B 453 16.07 8.66 -3.61
CA SER B 453 15.96 8.06 -2.28
C SER B 453 16.86 8.94 -1.42
N ILE B 454 16.28 9.64 -0.43
CA ILE B 454 17.03 10.64 0.36
C ILE B 454 16.84 10.46 1.85
N GLU B 455 17.93 10.57 2.59
CA GLU B 455 17.88 10.51 4.04
C GLU B 455 17.62 11.91 4.56
N PRO B 456 16.57 12.10 5.41
CA PRO B 456 16.29 13.43 5.98
C PRO B 456 17.49 14.08 6.67
N LEU B 457 18.40 13.28 7.25
CA LEU B 457 19.62 13.78 7.88
C LEU B 457 20.52 14.53 6.91
N ASP B 458 20.39 14.28 5.58
CA ASP B 458 21.21 14.95 4.55
C ASP B 458 20.62 16.28 4.06
N LEU B 459 19.44 16.68 4.58
CA LEU B 459 18.77 17.92 4.18
C LEU B 459 19.64 19.19 4.32
N PRO B 460 20.42 19.44 5.41
CA PRO B 460 21.19 20.71 5.46
C PRO B 460 22.17 20.89 4.30
N GLN B 461 22.89 19.83 3.93
CA GLN B 461 23.86 19.80 2.83
C GLN B 461 23.16 19.98 1.47
N ILE B 462 22.02 19.27 1.26
CA ILE B 462 21.23 19.36 0.04
C ILE B 462 20.75 20.80 -0.14
N ILE B 463 20.12 21.35 0.91
CA ILE B 463 19.61 22.71 0.89
C ILE B 463 20.72 23.76 0.61
N GLU B 464 21.89 23.59 1.26
CA GLU B 464 23.02 24.51 1.05
C GLU B 464 23.42 24.48 -0.42
N ARG B 465 23.59 23.29 -0.99
CA ARG B 465 23.99 23.14 -2.39
C ARG B 465 23.00 23.73 -3.38
N LEU B 466 21.69 23.55 -3.14
CA LEU B 466 20.68 24.09 -4.05
C LEU B 466 20.42 25.57 -3.86
N HIS B 467 20.19 25.99 -2.63
CA HIS B 467 19.76 27.36 -2.36
C HIS B 467 20.82 28.29 -1.78
N GLY B 468 21.90 27.73 -1.24
CA GLY B 468 22.95 28.49 -0.56
C GLY B 468 22.65 28.61 0.92
N LEU B 469 23.65 29.06 1.72
CA LEU B 469 23.49 29.22 3.16
C LEU B 469 22.38 30.18 3.56
N SER B 470 22.02 31.17 2.70
CA SER B 470 20.98 32.15 2.97
C SER B 470 19.60 31.52 3.23
N ALA B 471 19.36 30.26 2.73
CA ALA B 471 18.09 29.52 2.94
C ALA B 471 17.84 29.29 4.44
N PHE B 472 18.93 29.31 5.24
CA PHE B 472 18.91 29.11 6.69
C PHE B 472 18.85 30.44 7.46
N SER B 473 18.89 31.59 6.76
CA SER B 473 18.92 32.94 7.38
C SER B 473 17.83 33.86 6.91
N LEU B 474 17.00 33.45 5.93
CA LEU B 474 15.96 34.34 5.42
C LEU B 474 15.00 34.79 6.52
N HIS B 475 14.71 36.09 6.52
CA HIS B 475 13.81 36.76 7.45
C HIS B 475 13.15 37.97 6.74
N SER B 476 12.21 38.66 7.42
CA SER B 476 11.44 39.80 6.90
C SER B 476 10.86 39.41 5.55
N TYR B 477 9.98 38.40 5.58
CA TYR B 477 9.28 37.94 4.40
C TYR B 477 8.32 39.05 4.03
N SER B 478 7.83 39.05 2.79
CA SER B 478 6.95 40.09 2.32
C SER B 478 5.54 40.00 2.96
N PRO B 479 4.85 41.15 3.18
CA PRO B 479 3.50 41.10 3.74
C PRO B 479 2.56 40.20 2.93
N GLY B 480 2.68 40.24 1.60
CA GLY B 480 1.86 39.43 0.69
C GLY B 480 2.05 37.94 0.92
N GLU B 481 3.30 37.51 1.13
CA GLU B 481 3.67 36.12 1.39
C GLU B 481 3.18 35.64 2.75
N ILE B 482 3.50 36.41 3.82
CA ILE B 482 3.03 36.14 5.20
C ILE B 482 1.49 36.02 5.21
N ASN B 483 0.81 36.99 4.58
CA ASN B 483 -0.65 36.98 4.53
C ASN B 483 -1.23 35.76 3.81
N ARG B 484 -0.60 35.31 2.70
CA ARG B 484 -1.08 34.13 1.98
C ARG B 484 -0.91 32.87 2.86
N VAL B 485 0.25 32.74 3.53
CA VAL B 485 0.52 31.62 4.44
C VAL B 485 -0.50 31.64 5.61
N ALA B 486 -0.63 32.76 6.34
CA ALA B 486 -1.56 32.88 7.46
C ALA B 486 -3.00 32.54 7.06
N SER B 487 -3.43 33.00 5.87
CA SER B 487 -4.78 32.74 5.31
C SER B 487 -4.97 31.22 5.02
N CYS B 488 -3.95 30.59 4.43
CA CYS B 488 -3.99 29.14 4.15
C CYS B 488 -4.11 28.33 5.46
N LEU B 489 -3.39 28.75 6.51
CA LEU B 489 -3.44 28.07 7.82
C LEU B 489 -4.83 28.16 8.43
N ARG B 490 -5.50 29.32 8.34
CA ARG B 490 -6.88 29.45 8.88
C ARG B 490 -7.82 28.59 8.06
N LYS B 491 -7.64 28.53 6.74
CA LYS B 491 -8.47 27.73 5.83
C LYS B 491 -8.45 26.23 6.16
N LEU B 492 -7.27 25.67 6.37
CA LEU B 492 -7.08 24.24 6.67
C LEU B 492 -7.18 23.91 8.16
N GLY B 493 -7.22 24.91 9.03
CA GLY B 493 -7.25 24.68 10.47
C GLY B 493 -5.90 24.23 10.96
N VAL B 494 -4.85 24.80 10.37
CA VAL B 494 -3.45 24.54 10.72
C VAL B 494 -3.07 25.53 11.86
N PRO B 495 -2.39 25.10 12.96
CA PRO B 495 -2.01 26.07 14.02
C PRO B 495 -1.25 27.27 13.48
N PRO B 496 -1.45 28.50 14.05
CA PRO B 496 -0.73 29.69 13.52
C PRO B 496 0.79 29.57 13.66
N LEU B 497 1.53 30.33 12.84
CA LEU B 497 3.00 30.37 12.82
C LEU B 497 3.67 30.48 14.18
N ARG B 498 3.06 31.19 15.14
CA ARG B 498 3.59 31.35 16.51
C ARG B 498 3.68 30.01 17.24
N VAL B 499 2.76 29.09 16.96
CA VAL B 499 2.77 27.75 17.57
C VAL B 499 3.98 26.97 17.00
N TRP B 500 4.18 27.07 15.68
CA TRP B 500 5.26 26.42 14.96
C TRP B 500 6.63 26.85 15.45
N ARG B 501 6.81 28.17 15.74
CA ARG B 501 8.08 28.68 16.28
C ARG B 501 8.40 28.03 17.63
N HIS B 502 7.38 27.91 18.51
CA HIS B 502 7.48 27.29 19.83
C HIS B 502 7.84 25.82 19.69
N ARG B 503 7.17 25.10 18.78
CA ARG B 503 7.44 23.68 18.53
C ARG B 503 8.84 23.49 17.96
N ALA B 504 9.30 24.40 17.08
CA ALA B 504 10.62 24.32 16.45
C ALA B 504 11.77 24.43 17.44
N ARG B 505 11.59 25.24 18.51
CA ARG B 505 12.59 25.38 19.58
C ARG B 505 12.78 24.00 20.29
N SER B 506 11.68 23.27 20.51
CA SER B 506 11.69 21.92 21.10
C SER B 506 12.38 20.94 20.12
N VAL B 507 11.91 20.90 18.85
CA VAL B 507 12.50 20.04 17.81
C VAL B 507 14.01 20.31 17.68
N ARG B 508 14.41 21.58 17.65
CA ARG B 508 15.82 21.99 17.58
C ARG B 508 16.62 21.41 18.75
N ALA B 509 16.15 21.63 20.00
CA ALA B 509 16.80 21.12 21.21
C ALA B 509 16.90 19.58 21.16
N ARG B 510 15.80 18.89 20.78
CA ARG B 510 15.79 17.43 20.65
C ARG B 510 16.85 16.98 19.62
N LEU B 511 16.95 17.67 18.46
CA LEU B 511 17.95 17.32 17.44
C LEU B 511 19.39 17.52 17.93
N LEU B 512 19.67 18.69 18.57
CA LEU B 512 21.00 19.01 19.11
C LEU B 512 21.45 17.98 20.16
N SER B 513 20.50 17.48 21.00
CA SER B 513 20.71 16.46 22.03
C SER B 513 21.20 15.11 21.45
N GLN B 514 20.86 14.80 20.17
CA GLN B 514 21.26 13.57 19.47
C GLN B 514 22.70 13.62 18.95
N GLY B 515 23.23 14.83 18.76
CA GLY B 515 24.57 15.05 18.23
C GLY B 515 24.69 14.64 16.77
N GLY B 516 25.92 14.66 16.26
CA GLY B 516 26.25 14.30 14.88
C GLY B 516 25.40 15.01 13.82
N ARG B 517 24.98 14.25 12.79
CA ARG B 517 24.16 14.75 11.67
C ARG B 517 22.82 15.33 12.12
N ALA B 518 22.19 14.74 13.16
CA ALA B 518 20.93 15.26 13.72
C ALA B 518 21.14 16.68 14.30
N ALA B 519 22.30 16.92 14.97
CA ALA B 519 22.62 18.24 15.55
C ALA B 519 22.81 19.28 14.46
N THR B 520 23.41 18.88 13.31
CA THR B 520 23.58 19.76 12.14
C THR B 520 22.19 20.17 11.63
N CYS B 521 21.22 19.21 11.62
CA CYS B 521 19.83 19.52 11.25
C CYS B 521 19.23 20.55 12.20
N GLY B 522 19.46 20.38 13.51
CA GLY B 522 18.98 21.32 14.52
C GLY B 522 19.58 22.70 14.32
N LYS B 523 20.89 22.74 14.15
CA LYS B 523 21.65 23.97 13.97
C LYS B 523 21.24 24.78 12.74
N TYR B 524 21.25 24.13 11.54
CA TYR B 524 20.99 24.79 10.27
C TYR B 524 19.53 25.01 9.95
N LEU B 525 18.70 23.94 10.05
CA LEU B 525 17.28 24.04 9.71
C LEU B 525 16.45 24.88 10.65
N PHE B 526 16.84 24.94 11.93
CA PHE B 526 16.02 25.61 12.94
C PHE B 526 16.67 26.82 13.61
N ASN B 527 17.73 27.41 13.00
CA ASN B 527 18.35 28.63 13.51
C ASN B 527 17.38 29.80 13.56
N TRP B 528 16.34 29.80 12.68
CA TRP B 528 15.31 30.85 12.63
C TRP B 528 14.47 30.88 13.91
N ALA B 529 14.43 29.76 14.65
CA ALA B 529 13.58 29.61 15.82
C ALA B 529 14.18 30.14 17.11
N VAL B 530 15.48 30.40 17.14
CA VAL B 530 16.12 30.92 18.36
C VAL B 530 16.29 32.46 18.32
N LYS B 531 16.30 33.09 19.50
CA LYS B 531 16.45 34.54 19.65
C LYS B 531 17.84 34.99 19.19
N THR B 532 18.90 34.40 19.77
CA THR B 532 20.26 34.70 19.40
C THR B 532 20.79 33.56 18.54
N LYS B 533 20.80 33.84 17.24
CA LYS B 533 21.21 32.94 16.17
C LYS B 533 22.67 32.48 16.26
N LEU B 534 22.92 31.23 15.89
CA LEU B 534 24.25 30.62 15.80
C LEU B 534 24.85 31.06 14.46
N LYS B 535 26.19 31.17 14.37
CA LYS B 535 26.89 31.55 13.13
C LYS B 535 26.91 30.32 12.21
N LEU B 536 26.28 30.46 11.04
CA LEU B 536 26.18 29.36 10.10
C LEU B 536 27.25 29.43 9.05
N THR B 537 28.12 28.41 9.04
CA THR B 537 29.28 28.28 8.16
C THR B 537 29.04 27.15 7.12
N PRO B 538 29.74 27.15 5.97
CA PRO B 538 29.54 26.05 4.99
C PRO B 538 29.75 24.65 5.59
N ILE B 539 28.85 23.70 5.26
CA ILE B 539 28.90 22.31 5.75
C ILE B 539 29.89 21.51 4.87
N PRO B 540 30.92 20.86 5.47
CA PRO B 540 31.91 20.13 4.65
C PRO B 540 31.35 18.99 3.80
N ALA B 541 30.30 18.29 4.27
CA ALA B 541 29.67 17.18 3.54
C ALA B 541 28.95 17.66 2.25
N ALA B 542 28.58 18.96 2.17
CA ALA B 542 27.90 19.57 1.03
C ALA B 542 28.80 19.68 -0.20
N SER B 543 30.11 19.94 0.00
CA SER B 543 31.12 20.05 -1.08
C SER B 543 31.28 18.68 -1.78
N ARG B 544 31.27 17.60 -0.98
CA ARG B 544 31.41 16.21 -1.42
C ARG B 544 30.20 15.69 -2.21
N LEU B 545 28.98 16.22 -1.91
CA LEU B 545 27.71 15.80 -2.52
C LEU B 545 27.73 15.66 -4.05
N ASP B 546 27.37 14.46 -4.52
CA ASP B 546 27.27 14.19 -5.94
C ASP B 546 25.85 14.57 -6.32
N LEU B 547 25.70 15.77 -6.89
CA LEU B 547 24.40 16.27 -7.29
C LEU B 547 24.27 16.30 -8.81
N SER B 548 24.99 15.39 -9.48
CA SER B 548 24.93 15.22 -10.93
C SER B 548 23.63 14.49 -11.26
N GLY B 549 22.94 14.98 -12.28
CA GLY B 549 21.66 14.44 -12.72
C GLY B 549 20.46 15.06 -12.03
N TRP B 550 20.70 15.94 -11.03
CA TRP B 550 19.62 16.59 -10.28
C TRP B 550 18.82 17.61 -11.10
N PHE B 551 19.51 18.60 -11.72
CA PHE B 551 18.87 19.64 -12.51
C PHE B 551 19.42 19.65 -13.93
N VAL B 552 19.12 18.59 -14.65
CA VAL B 552 19.55 18.44 -16.03
C VAL B 552 18.31 18.44 -16.91
N ALA B 553 17.34 17.58 -16.59
CA ALA B 553 16.13 17.46 -17.39
C ALA B 553 14.91 17.08 -16.55
N GLY B 554 13.73 17.25 -17.13
CA GLY B 554 12.48 16.84 -16.49
C GLY B 554 12.13 15.44 -16.96
N TYR B 555 11.55 14.62 -16.09
CA TYR B 555 11.21 13.23 -16.41
C TYR B 555 9.82 12.82 -15.88
N SER B 556 8.89 13.79 -15.75
CA SER B 556 7.55 13.51 -15.24
C SER B 556 6.85 12.40 -16.06
N GLY B 557 6.43 11.33 -15.37
CA GLY B 557 5.80 10.17 -16.01
C GLY B 557 6.79 9.26 -16.72
N GLY B 558 8.08 9.66 -16.72
CA GLY B 558 9.16 8.97 -17.42
C GLY B 558 9.79 7.78 -16.76
N ASP B 559 9.34 7.41 -15.52
CA ASP B 559 9.83 6.20 -14.82
C ASP B 559 11.38 6.21 -14.58
N ILE B 560 11.91 7.36 -14.13
CA ILE B 560 13.34 7.53 -13.89
C ILE B 560 13.67 7.53 -12.39
N TYR B 561 14.74 6.80 -12.02
CA TYR B 561 15.26 6.70 -10.66
C TYR B 561 16.73 7.13 -10.67
N HIS B 562 17.09 8.06 -9.75
CA HIS B 562 18.48 8.59 -9.64
C HIS B 562 19.06 8.41 -8.25
C1 GOL C . -16.17 -29.24 11.30
O1 GOL C . -16.81 -28.04 10.88
C2 GOL C . -15.93 -29.24 12.79
O2 GOL C . -17.14 -28.88 13.50
C3 GOL C . -14.79 -28.33 13.20
O3 GOL C . -13.53 -28.91 12.92
N1 2AY D . -3.24 -17.67 16.21
S2 2AY D . -4.08 -16.81 17.32
O3 2AY D . -3.21 -16.61 18.42
O4 2AY D . -4.62 -15.66 16.64
C5 2AY D . -5.40 -17.84 17.84
C6 2AY D . -3.40 -17.79 14.79
C7 2AY D . -2.31 -18.28 14.09
C8 2AY D . -2.38 -18.44 12.71
C9 2AY D . -3.54 -18.10 12.00
C10 2AY D . -3.63 -18.26 10.57
C11 2AY D . -4.75 -17.95 9.91
O12 2AY D . -5.85 -17.41 10.58
C13 2AY D . -5.87 -17.22 11.97
O14 2AY D . -6.89 -16.75 12.44
C15 2AY D . -4.65 -17.60 12.71
C16 2AY D . -4.57 -17.45 14.11
C17 2AY D . -5.09 -18.25 8.50
C18 2AY D . -4.19 -18.09 7.42
C19 2AY D . -4.54 -18.45 6.09
C20 2AY D . -5.82 -18.98 5.89
C21 2AY D . -6.73 -19.14 6.95
C22 2AY D . -6.35 -18.78 8.23
C23 2AY D . -8.10 -19.63 6.69
C24 2AY D . -9.20 -18.89 7.28
O25 2AY D . -9.08 -17.87 7.97
N26 2AY D . -10.46 -19.44 7.05
C28 2AY D . -10.68 -20.59 6.37
C29 2AY D . -9.65 -21.30 5.83
C30 2AY D . -8.34 -20.80 6.00
C31 2AY D . -3.63 -18.29 4.84
C32 2AY D . -4.20 -19.02 3.62
C33 2AY D . -3.48 -16.81 4.42
C34 2AY D . -2.23 -18.86 5.08
O35 2AY D . -2.91 -17.63 7.66
C36 2AY D . -2.72 -16.22 7.75
S DMS E . 7.76 31.00 -12.24
O DMS E . 8.99 31.10 -12.99
C1 DMS E . 8.13 29.94 -10.90
C2 DMS E . 7.54 32.54 -11.44
H11 DMS E . 7.81 28.91 -11.08
H12 DMS E . 7.67 30.22 -9.95
H13 DMS E . 9.20 29.86 -10.71
H21 DMS E . 7.65 33.37 -12.15
H22 DMS E . 8.27 32.72 -10.65
H23 DMS E . 6.56 32.69 -11.00
C1 GOL F . 0.23 12.17 -0.99
O1 GOL F . 1.59 11.76 -1.10
C2 GOL F . -0.57 11.61 -2.13
O2 GOL F . -0.28 10.21 -2.29
C3 GOL F . -0.30 12.33 -3.43
O3 GOL F . -0.91 13.61 -3.44
N1 2AY G . 4.81 19.29 -17.10
S2 2AY G . 5.28 18.02 -17.98
O3 2AY G . 4.70 18.20 -19.28
O4 2AY G . 6.70 17.89 -17.86
C5 2AY G . 4.53 16.60 -17.28
C6 2AY G . 5.46 19.98 -16.02
C7 2AY G . 5.13 21.31 -15.81
C8 2AY G . 5.70 22.01 -14.76
C9 2AY G . 6.61 21.41 -13.88
C10 2AY G . 7.26 22.13 -12.80
C11 2AY G . 8.13 21.53 -11.99
O12 2AY G . 8.46 20.19 -12.18
C13 2AY G . 7.89 19.39 -13.16
O14 2AY G . 8.20 18.22 -13.16
C15 2AY G . 6.93 20.04 -14.07
C16 2AY G . 6.35 19.34 -15.14
C17 2AY G . 8.62 21.99 -10.67
C18 2AY G . 9.12 23.29 -10.42
C19 2AY G . 9.56 23.68 -9.12
C20 2AY G . 9.49 22.72 -8.10
C21 2AY G . 9.00 21.44 -8.33
C22 2AY G . 8.56 21.10 -9.61
C23 2AY G . 8.93 20.44 -7.24
C24 2AY G . 9.50 19.11 -7.48
O25 2AY G . 10.01 18.72 -8.54
N26 2AY G . 9.41 18.23 -6.38
C28 2AY G . 8.84 18.55 -5.18
C29 2AY G . 8.32 19.78 -4.97
C30 2AY G . 8.36 20.74 -6.03
C31 2AY G . 10.12 25.09 -8.77
C32 2AY G . 10.31 25.26 -7.25
C33 2AY G . 11.52 25.32 -9.39
C34 2AY G . 9.18 26.22 -9.21
O35 2AY G . 9.10 24.23 -11.43
C36 2AY G . 10.20 24.29 -12.34
#